data_3ANG
#
_entry.id   3ANG
#
_cell.length_a   99.182
_cell.length_b   104.857
_cell.length_c   109.816
_cell.angle_alpha   90.000
_cell.angle_beta   90.000
_cell.angle_gamma   90.000
#
_symmetry.space_group_name_H-M   'P 21 21 21'
#
loop_
_entity.id
_entity.type
_entity.pdbx_description
1 polymer 'Transcriptional repressor, TetR family'
2 non-polymer DODECYL-COA
3 water water
#
_entity_poly.entity_id   1
_entity_poly.type   'polypeptide(L)'
_entity_poly.pdbx_seq_one_letter_code
;AVREYQKKRRRERIFRAA(MSE)ELFRNRGFQETTATEIAKAAHVSRGTFFNYYPYKEAVLLDYGSQLLAGLREEVRRLL
AQGREPVEVLRHLFRVLAEGTAREKDLLLP(MSE)FYELLNPDPVRARAAFEALPLGDLIAEILKPLREQGVLRQDFSLE
R(MSE)GRTLADLYFLSALRWAAYTPGRDLAEELEKNLRLLLEG(MSE)LVREAPAPGGL
;
_entity_poly.pdbx_strand_id   C,A,D,B
#
# COMPACT_ATOMS: atom_id res chain seq x y z
N VAL A 2 -15.29 -64.78 -2.17
CA VAL A 2 -14.48 -64.39 -3.37
C VAL A 2 -15.22 -63.45 -4.32
N ARG A 3 -16.50 -63.22 -4.06
CA ARG A 3 -17.30 -62.33 -4.90
C ARG A 3 -16.84 -60.87 -4.78
N GLU A 4 -16.60 -60.44 -3.55
CA GLU A 4 -16.15 -59.08 -3.27
C GLU A 4 -14.88 -58.77 -4.05
N TYR A 5 -13.92 -59.70 -4.03
CA TYR A 5 -12.67 -59.50 -4.74
C TYR A 5 -12.93 -59.37 -6.25
N GLN A 6 -13.76 -60.25 -6.79
CA GLN A 6 -14.07 -60.20 -8.21
C GLN A 6 -14.79 -58.90 -8.53
N LYS A 7 -15.69 -58.48 -7.66
CA LYS A 7 -16.41 -57.24 -7.86
C LYS A 7 -15.43 -56.06 -7.91
N LYS A 8 -14.47 -56.01 -6.99
CA LYS A 8 -13.51 -54.91 -6.98
C LYS A 8 -12.61 -54.99 -8.22
N ARG A 9 -12.24 -56.21 -8.61
CA ARG A 9 -11.42 -56.40 -9.79
C ARG A 9 -12.18 -55.91 -11.02
N ARG A 10 -13.47 -56.20 -11.08
CA ARG A 10 -14.28 -55.78 -12.21
C ARG A 10 -14.37 -54.24 -12.30
N ARG A 11 -14.67 -53.56 -11.19
CA ARG A 11 -14.76 -52.11 -11.23
C ARG A 11 -13.44 -51.49 -11.69
N GLU A 12 -12.35 -51.95 -11.10
CA GLU A 12 -11.02 -51.42 -11.44
C GLU A 12 -10.71 -51.60 -12.94
N ARG A 13 -11.10 -52.73 -13.52
CA ARG A 13 -10.84 -52.98 -14.94
C ARG A 13 -11.66 -52.05 -15.81
N ILE A 14 -12.93 -51.87 -15.46
CA ILE A 14 -13.81 -50.97 -16.22
C ILE A 14 -13.22 -49.55 -16.18
N PHE A 15 -12.79 -49.14 -14.99
CA PHE A 15 -12.22 -47.81 -14.81
C PHE A 15 -11.02 -47.56 -15.71
N ARG A 16 -10.13 -48.54 -15.74
CA ARG A 16 -8.91 -48.46 -16.55
C ARG A 16 -9.30 -48.38 -18.01
N ALA A 17 -10.25 -49.21 -18.41
CA ALA A 17 -10.70 -49.25 -19.79
C ALA A 17 -11.29 -47.89 -20.19
N ALA A 18 -12.11 -47.31 -19.32
CA ALA A 18 -12.73 -46.03 -19.62
C ALA A 18 -11.68 -44.93 -19.72
N GLU A 20 -8.41 -45.17 -20.40
CA GLU A 20 -7.57 -45.35 -21.57
C GLU A 20 -8.30 -44.79 -22.80
N LEU A 21 -9.57 -45.16 -22.96
CA LEU A 21 -10.37 -44.67 -24.08
C LEU A 21 -10.56 -43.16 -24.02
N PHE A 22 -10.82 -42.64 -22.82
CA PHE A 22 -11.05 -41.22 -22.66
C PHE A 22 -9.80 -40.45 -23.05
N ARG A 23 -8.65 -40.93 -22.60
CA ARG A 23 -7.40 -40.27 -22.92
C ARG A 23 -7.09 -40.30 -24.40
N ASN A 24 -7.23 -41.46 -25.03
CA ASN A 24 -6.93 -41.58 -26.46
C ASN A 24 -7.97 -41.09 -27.46
N ARG A 25 -9.25 -41.13 -27.09
CA ARG A 25 -10.28 -40.67 -28.02
C ARG A 25 -11.10 -39.48 -27.53
N GLY A 26 -11.02 -39.16 -26.24
CA GLY A 26 -11.77 -38.03 -25.71
C GLY A 26 -12.96 -38.54 -24.92
N PHE A 27 -13.32 -37.83 -23.85
CA PHE A 27 -14.42 -38.23 -22.99
C PHE A 27 -15.77 -38.24 -23.69
N GLN A 28 -16.12 -37.12 -24.31
CA GLN A 28 -17.40 -36.97 -25.01
C GLN A 28 -17.59 -37.95 -26.14
N GLU A 29 -16.51 -38.28 -26.85
CA GLU A 29 -16.55 -39.17 -28.00
C GLU A 29 -16.65 -40.65 -27.67
N THR A 30 -16.33 -41.03 -26.44
CA THR A 30 -16.37 -42.43 -26.02
C THR A 30 -17.75 -42.79 -25.45
N THR A 31 -18.25 -43.96 -25.84
CA THR A 31 -19.57 -44.39 -25.36
C THR A 31 -19.47 -45.57 -24.43
N ALA A 32 -20.54 -45.76 -23.67
CA ALA A 32 -20.62 -46.86 -22.72
C ALA A 32 -20.39 -48.19 -23.44
N THR A 33 -20.88 -48.30 -24.67
CA THR A 33 -20.73 -49.54 -25.44
C THR A 33 -19.24 -49.82 -25.69
N GLU A 34 -18.50 -48.79 -26.08
CA GLU A 34 -17.06 -48.94 -26.33
C GLU A 34 -16.36 -49.30 -25.03
N ILE A 35 -16.74 -48.64 -23.94
CA ILE A 35 -16.13 -48.92 -22.66
C ILE A 35 -16.37 -50.36 -22.27
N ALA A 36 -17.64 -50.79 -22.33
CA ALA A 36 -18.00 -52.15 -21.95
C ALA A 36 -17.17 -53.14 -22.78
N LYS A 37 -17.17 -52.95 -24.09
CA LYS A 37 -16.41 -53.85 -24.96
C LYS A 37 -14.95 -53.93 -24.53
N ALA A 38 -14.31 -52.78 -24.37
CA ALA A 38 -12.91 -52.72 -23.95
C ALA A 38 -12.65 -53.32 -22.58
N ALA A 39 -13.64 -53.27 -21.70
CA ALA A 39 -13.45 -53.80 -20.36
C ALA A 39 -13.86 -55.27 -20.26
N HIS A 40 -14.48 -55.78 -21.33
CA HIS A 40 -14.94 -57.17 -21.39
C HIS A 40 -16.11 -57.39 -20.43
N VAL A 41 -17.15 -56.59 -20.57
CA VAL A 41 -18.33 -56.71 -19.73
C VAL A 41 -19.48 -56.20 -20.56
N SER A 42 -20.70 -56.61 -20.20
CA SER A 42 -21.87 -56.15 -20.93
C SER A 42 -22.02 -54.67 -20.66
N ARG A 43 -22.85 -54.00 -21.44
CA ARG A 43 -23.05 -52.59 -21.23
C ARG A 43 -23.81 -52.43 -19.91
N GLY A 44 -24.74 -53.35 -19.67
CA GLY A 44 -25.51 -53.32 -18.44
C GLY A 44 -24.60 -53.35 -17.23
N THR A 45 -23.55 -54.16 -17.29
CA THR A 45 -22.61 -54.25 -16.19
C THR A 45 -21.86 -52.92 -15.99
N PHE A 46 -21.51 -52.26 -17.09
CA PHE A 46 -20.82 -50.97 -16.99
C PHE A 46 -21.66 -49.98 -16.20
N PHE A 47 -22.92 -49.83 -16.59
CA PHE A 47 -23.84 -48.91 -15.94
C PHE A 47 -24.09 -49.24 -14.48
N ASN A 48 -24.00 -50.52 -14.14
CA ASN A 48 -24.17 -50.95 -12.76
C ASN A 48 -23.06 -50.33 -11.93
N TYR A 49 -21.87 -50.22 -12.50
CA TYR A 49 -20.74 -49.65 -11.77
C TYR A 49 -20.71 -48.14 -11.92
N TYR A 50 -21.08 -47.66 -13.11
CA TYR A 50 -21.08 -46.25 -13.43
C TYR A 50 -22.39 -45.94 -14.14
N PRO A 51 -23.40 -45.44 -13.40
CA PRO A 51 -24.71 -45.12 -13.98
C PRO A 51 -24.67 -44.08 -15.08
N TYR A 52 -23.61 -43.29 -15.12
CA TYR A 52 -23.44 -42.28 -16.15
C TYR A 52 -21.94 -42.04 -16.30
N LYS A 53 -21.49 -41.80 -17.52
CA LYS A 53 -20.07 -41.62 -17.82
C LYS A 53 -19.30 -40.73 -16.87
N GLU A 54 -19.86 -39.55 -16.55
CA GLU A 54 -19.19 -38.59 -15.67
C GLU A 54 -18.78 -39.21 -14.34
N ALA A 55 -19.49 -40.25 -13.91
CA ALA A 55 -19.15 -40.91 -12.65
C ALA A 55 -17.74 -41.51 -12.74
N VAL A 56 -17.29 -41.84 -13.95
CA VAL A 56 -15.91 -42.37 -14.06
C VAL A 56 -14.94 -41.22 -13.74
N LEU A 57 -15.21 -40.04 -14.29
CA LEU A 57 -14.35 -38.88 -14.05
C LEU A 57 -14.36 -38.49 -12.58
N LEU A 58 -15.52 -38.59 -11.94
CA LEU A 58 -15.60 -38.24 -10.52
C LEU A 58 -14.74 -39.20 -9.73
N ASP A 59 -14.74 -40.45 -10.16
CA ASP A 59 -13.93 -41.46 -9.51
C ASP A 59 -12.46 -41.03 -9.65
N TYR A 60 -12.12 -40.57 -10.85
CA TYR A 60 -10.76 -40.12 -11.14
C TYR A 60 -10.35 -38.91 -10.31
N GLY A 61 -11.22 -37.89 -10.27
CA GLY A 61 -10.91 -36.69 -9.50
C GLY A 61 -10.76 -37.00 -8.03
N SER A 62 -11.57 -37.94 -7.54
CA SER A 62 -11.53 -38.33 -6.14
C SER A 62 -10.21 -39.02 -5.81
N GLN A 63 -9.67 -39.69 -6.82
CA GLN A 63 -8.39 -40.37 -6.68
C GLN A 63 -7.28 -39.31 -6.62
N LEU A 64 -7.37 -38.32 -7.50
CA LEU A 64 -6.37 -37.24 -7.56
C LEU A 64 -6.37 -36.47 -6.23
N LEU A 65 -7.57 -36.20 -5.72
CA LEU A 65 -7.72 -35.47 -4.47
C LEU A 65 -7.14 -36.25 -3.28
N ALA A 66 -7.31 -37.57 -3.28
CA ALA A 66 -6.80 -38.38 -2.17
C ALA A 66 -5.27 -38.34 -2.17
N GLY A 67 -4.67 -38.24 -3.36
CA GLY A 67 -3.22 -38.15 -3.47
C GLY A 67 -2.71 -36.81 -2.93
N LEU A 68 -3.47 -35.75 -3.20
CA LEU A 68 -3.11 -34.42 -2.71
C LEU A 68 -3.28 -34.36 -1.20
N ARG A 69 -4.34 -34.98 -0.70
CA ARG A 69 -4.61 -35.02 0.72
C ARG A 69 -3.41 -35.69 1.43
N GLU A 70 -2.99 -36.85 0.92
CA GLU A 70 -1.86 -37.59 1.49
C GLU A 70 -0.61 -36.68 1.48
N GLU A 71 -0.44 -35.92 0.40
CA GLU A 71 0.70 -35.01 0.27
C GLU A 71 0.65 -33.87 1.33
N VAL A 72 -0.50 -33.23 1.44
CA VAL A 72 -0.69 -32.15 2.40
C VAL A 72 -0.45 -32.61 3.82
N ARG A 73 -1.04 -33.73 4.19
CA ARG A 73 -0.88 -34.27 5.53
C ARG A 73 0.59 -34.60 5.77
N ARG A 74 1.29 -35.00 4.72
CA ARG A 74 2.71 -35.33 4.86
C ARG A 74 3.51 -34.06 5.18
N LEU A 75 3.25 -32.99 4.42
CA LEU A 75 3.98 -31.74 4.63
C LEU A 75 3.69 -31.14 6.00
N LEU A 76 2.45 -31.24 6.46
CA LEU A 76 2.10 -30.68 7.75
C LEU A 76 2.78 -31.44 8.88
N ALA A 77 2.76 -32.78 8.80
CA ALA A 77 3.39 -33.60 9.84
C ALA A 77 4.90 -33.42 9.82
N GLN A 78 5.43 -33.02 8.68
CA GLN A 78 6.86 -32.79 8.54
C GLN A 78 7.20 -31.42 9.12
N GLY A 79 6.16 -30.69 9.53
CA GLY A 79 6.37 -29.38 10.13
C GLY A 79 6.36 -28.16 9.21
N ARG A 80 5.92 -28.33 7.97
CA ARG A 80 5.88 -27.18 7.07
C ARG A 80 4.88 -26.14 7.57
N GLU A 81 5.16 -24.87 7.34
CA GLU A 81 4.24 -23.81 7.76
C GLU A 81 2.97 -23.92 6.91
N PRO A 82 1.79 -23.89 7.55
CA PRO A 82 0.51 -23.97 6.83
C PRO A 82 0.38 -23.08 5.60
N VAL A 83 0.77 -21.81 5.73
CA VAL A 83 0.67 -20.91 4.58
C VAL A 83 1.50 -21.45 3.41
N GLU A 84 2.68 -21.97 3.70
CA GLU A 84 3.52 -22.54 2.66
C GLU A 84 2.83 -23.78 2.05
N VAL A 85 2.22 -24.59 2.89
CA VAL A 85 1.53 -25.78 2.39
C VAL A 85 0.38 -25.36 1.47
N LEU A 86 -0.30 -24.27 1.85
CA LEU A 86 -1.41 -23.74 1.05
C LEU A 86 -0.88 -23.33 -0.32
N ARG A 87 0.21 -22.57 -0.31
CA ARG A 87 0.81 -22.11 -1.55
C ARG A 87 1.28 -23.33 -2.34
N HIS A 88 1.72 -24.36 -1.65
CA HIS A 88 2.19 -25.56 -2.33
C HIS A 88 1.02 -26.29 -2.99
N LEU A 89 -0.07 -26.44 -2.24
CA LEU A 89 -1.26 -27.13 -2.74
C LEU A 89 -1.79 -26.47 -4.03
N PHE A 90 -1.86 -25.15 -4.05
CA PHE A 90 -2.39 -24.48 -5.23
C PHE A 90 -1.46 -24.53 -6.41
N ARG A 91 -0.18 -24.61 -6.12
CA ARG A 91 0.80 -24.73 -7.17
C ARG A 91 0.63 -26.14 -7.79
N VAL A 92 0.47 -27.14 -6.93
CA VAL A 92 0.29 -28.50 -7.42
C VAL A 92 -1.07 -28.64 -8.12
N LEU A 93 -2.08 -27.91 -7.63
CA LEU A 93 -3.40 -27.97 -8.25
C LEU A 93 -3.32 -27.35 -9.66
N ALA A 94 -2.55 -26.26 -9.76
CA ALA A 94 -2.39 -25.58 -11.04
C ALA A 94 -1.72 -26.48 -12.07
N GLU A 95 -0.68 -27.17 -11.63
CA GLU A 95 0.08 -28.07 -12.49
C GLU A 95 -0.75 -29.28 -12.92
N GLY A 96 -1.38 -29.94 -11.95
CA GLY A 96 -2.20 -31.09 -12.27
C GLY A 96 -3.39 -30.71 -13.14
N THR A 97 -3.99 -29.56 -12.92
CA THR A 97 -5.14 -29.15 -13.73
C THR A 97 -4.74 -28.87 -15.16
N ALA A 98 -3.56 -28.28 -15.35
CA ALA A 98 -3.07 -27.96 -16.69
C ALA A 98 -2.79 -29.23 -17.46
N ARG A 99 -2.18 -30.18 -16.75
CA ARG A 99 -1.82 -31.47 -17.31
C ARG A 99 -3.05 -32.32 -17.70
N GLU A 100 -4.09 -32.33 -16.86
CA GLU A 100 -5.28 -33.14 -17.13
C GLU A 100 -6.50 -32.34 -17.61
N LYS A 101 -6.24 -31.20 -18.23
CA LYS A 101 -7.28 -30.31 -18.72
C LYS A 101 -8.47 -30.96 -19.47
N ASP A 102 -8.18 -31.83 -20.42
CA ASP A 102 -9.25 -32.45 -21.22
C ASP A 102 -10.19 -33.37 -20.44
N LEU A 103 -9.70 -34.00 -19.38
CA LEU A 103 -10.54 -34.89 -18.61
C LEU A 103 -11.21 -34.11 -17.47
N LEU A 104 -10.53 -33.10 -16.95
CA LEU A 104 -11.09 -32.32 -15.86
C LEU A 104 -12.21 -31.37 -16.28
N LEU A 105 -12.14 -30.84 -17.50
CA LEU A 105 -13.17 -29.91 -17.94
C LEU A 105 -14.59 -30.49 -17.83
N PRO A 106 -14.89 -31.59 -18.55
CA PRO A 106 -16.25 -32.14 -18.42
C PRO A 106 -16.61 -32.52 -16.98
N PHE A 108 -15.65 -30.81 -14.40
CA PHE A 108 -15.95 -29.52 -13.76
C PHE A 108 -17.41 -29.13 -14.00
N TYR A 109 -17.92 -29.33 -15.20
CA TYR A 109 -19.32 -28.97 -15.50
C TYR A 109 -20.31 -29.77 -14.65
N GLU A 110 -19.93 -31.00 -14.30
CA GLU A 110 -20.78 -31.85 -13.49
C GLU A 110 -21.14 -31.17 -12.15
N LEU A 111 -20.23 -30.36 -11.62
CA LEU A 111 -20.51 -29.64 -10.37
C LEU A 111 -21.62 -28.61 -10.59
N LEU A 112 -21.83 -28.25 -11.85
CA LEU A 112 -22.86 -27.28 -12.23
C LEU A 112 -24.04 -27.96 -12.92
N ASN A 113 -24.18 -29.27 -12.70
CA ASN A 113 -25.27 -30.00 -13.31
C ASN A 113 -26.62 -29.44 -12.81
N PRO A 114 -27.53 -29.12 -13.72
CA PRO A 114 -28.83 -28.59 -13.25
C PRO A 114 -29.55 -29.58 -12.32
N ASP A 115 -29.32 -30.87 -12.52
CA ASP A 115 -29.91 -31.88 -11.63
C ASP A 115 -29.17 -31.85 -10.29
N PRO A 116 -29.83 -31.38 -9.22
CA PRO A 116 -29.23 -31.27 -7.88
C PRO A 116 -28.62 -32.56 -7.33
N VAL A 117 -29.20 -33.70 -7.67
CA VAL A 117 -28.68 -34.97 -7.21
C VAL A 117 -27.24 -35.19 -7.71
N ARG A 118 -26.98 -34.85 -8.96
CA ARG A 118 -25.64 -35.04 -9.51
C ARG A 118 -24.68 -33.94 -9.12
N ALA A 119 -25.16 -32.71 -9.03
CA ALA A 119 -24.29 -31.63 -8.63
C ALA A 119 -23.80 -32.03 -7.24
N ARG A 120 -24.72 -32.52 -6.42
CA ARG A 120 -24.40 -32.93 -5.07
C ARG A 120 -23.39 -34.09 -5.04
N ALA A 121 -23.62 -35.10 -5.86
CA ALA A 121 -22.71 -36.23 -5.92
C ALA A 121 -21.31 -35.77 -6.37
N ALA A 122 -21.24 -34.88 -7.36
CA ALA A 122 -19.95 -34.39 -7.83
C ALA A 122 -19.25 -33.69 -6.64
N PHE A 123 -19.99 -32.81 -5.96
CA PHE A 123 -19.45 -32.06 -4.83
C PHE A 123 -18.84 -32.95 -3.73
N GLU A 124 -19.59 -33.96 -3.29
CA GLU A 124 -19.12 -34.86 -2.24
C GLU A 124 -17.93 -35.71 -2.68
N ALA A 125 -17.81 -35.92 -3.99
CA ALA A 125 -16.71 -36.72 -4.52
C ALA A 125 -15.39 -35.95 -4.60
N LEU A 126 -15.46 -34.62 -4.58
CA LEU A 126 -14.27 -33.78 -4.70
C LEU A 126 -14.17 -32.75 -3.56
N PRO A 127 -14.08 -33.21 -2.31
CA PRO A 127 -14.00 -32.26 -1.20
C PRO A 127 -12.69 -31.46 -0.99
N LEU A 128 -12.35 -30.61 -1.96
CA LEU A 128 -11.16 -29.78 -1.87
C LEU A 128 -11.35 -28.83 -0.69
N GLY A 129 -12.58 -28.34 -0.55
CA GLY A 129 -12.90 -27.44 0.53
C GLY A 129 -12.46 -27.95 1.88
N ASP A 130 -12.72 -29.23 2.16
CA ASP A 130 -12.34 -29.81 3.45
C ASP A 130 -10.84 -30.02 3.58
N LEU A 131 -10.18 -30.31 2.48
CA LEU A 131 -8.73 -30.48 2.53
C LEU A 131 -8.12 -29.13 2.93
N ILE A 132 -8.58 -28.05 2.30
CA ILE A 132 -8.08 -26.72 2.62
C ILE A 132 -8.33 -26.44 4.11
N ALA A 133 -9.52 -26.77 4.59
CA ALA A 133 -9.84 -26.53 6.00
C ALA A 133 -8.79 -27.14 6.93
N GLU A 134 -8.31 -28.34 6.59
CA GLU A 134 -7.30 -29.01 7.42
C GLU A 134 -6.01 -28.19 7.52
N ILE A 135 -5.68 -27.45 6.46
CA ILE A 135 -4.47 -26.66 6.48
C ILE A 135 -4.69 -25.41 7.30
N LEU A 136 -5.92 -24.90 7.29
CA LEU A 136 -6.25 -23.69 8.05
C LEU A 136 -6.32 -23.96 9.55
N LYS A 137 -6.69 -25.19 9.91
CA LYS A 137 -6.82 -25.56 11.31
C LYS A 137 -5.63 -25.13 12.19
N PRO A 138 -4.40 -25.53 11.83
CA PRO A 138 -3.28 -25.11 12.68
C PRO A 138 -3.12 -23.59 12.78
N LEU A 139 -3.49 -22.87 11.73
CA LEU A 139 -3.41 -21.41 11.75
C LEU A 139 -4.36 -20.85 12.81
N ARG A 140 -5.54 -21.45 12.92
CA ARG A 140 -6.52 -21.00 13.90
C ARG A 140 -6.04 -21.17 15.33
N GLU A 141 -5.56 -22.36 15.64
CA GLU A 141 -5.06 -22.65 16.99
C GLU A 141 -3.81 -21.83 17.26
N GLN A 142 -3.19 -21.34 16.18
CA GLN A 142 -1.99 -20.52 16.29
C GLN A 142 -2.37 -19.07 16.59
N GLY A 143 -3.67 -18.78 16.53
CA GLY A 143 -4.15 -17.44 16.82
C GLY A 143 -4.12 -16.40 15.72
N VAL A 144 -3.68 -16.75 14.52
CA VAL A 144 -3.60 -15.78 13.43
C VAL A 144 -4.76 -15.82 12.44
N LEU A 145 -5.76 -16.65 12.71
CA LEU A 145 -6.89 -16.78 11.80
C LEU A 145 -8.18 -16.32 12.46
N ARG A 146 -9.02 -15.62 11.71
CA ARG A 146 -10.28 -15.15 12.29
C ARG A 146 -11.15 -16.33 12.71
N GLN A 147 -12.11 -16.06 13.60
CA GLN A 147 -12.98 -17.09 14.11
C GLN A 147 -14.45 -16.77 14.00
N ASP A 148 -14.78 -15.76 13.22
CA ASP A 148 -16.18 -15.38 13.02
C ASP A 148 -16.75 -16.14 11.84
N PHE A 149 -15.95 -17.02 11.27
CA PHE A 149 -16.36 -17.88 10.16
C PHE A 149 -15.68 -19.21 10.43
N SER A 150 -16.38 -20.31 10.16
CA SER A 150 -15.82 -21.63 10.42
C SER A 150 -14.74 -22.02 9.42
N LEU A 151 -13.86 -22.91 9.83
CA LEU A 151 -12.81 -23.39 8.96
C LEU A 151 -13.46 -23.96 7.69
N GLU A 152 -14.55 -24.69 7.87
CA GLU A 152 -15.24 -25.30 6.75
C GLU A 152 -15.72 -24.30 5.70
N ARG A 153 -16.38 -23.24 6.13
CA ARG A 153 -16.88 -22.26 5.16
C ARG A 153 -15.75 -21.50 4.47
N GLY A 155 -12.54 -22.72 3.92
CA GLY A 155 -11.92 -23.64 2.98
C GLY A 155 -12.80 -23.79 1.73
N ARG A 156 -14.11 -23.91 1.93
CA ARG A 156 -15.04 -24.05 0.83
C ARG A 156 -14.99 -22.83 -0.11
N THR A 157 -14.86 -21.64 0.49
CA THR A 157 -14.77 -20.41 -0.29
C THR A 157 -13.50 -20.43 -1.15
N LEU A 158 -12.39 -20.87 -0.58
CA LEU A 158 -11.17 -20.92 -1.36
C LEU A 158 -11.32 -22.00 -2.46
N ALA A 159 -11.93 -23.14 -2.12
CA ALA A 159 -12.12 -24.21 -3.11
C ALA A 159 -13.04 -23.73 -4.25
N ASP A 160 -14.02 -22.90 -3.92
CA ASP A 160 -14.91 -22.38 -4.95
C ASP A 160 -14.16 -21.49 -5.93
N LEU A 161 -13.21 -20.70 -5.41
CA LEU A 161 -12.41 -19.82 -6.26
C LEU A 161 -11.56 -20.67 -7.20
N TYR A 162 -10.94 -21.70 -6.65
CA TYR A 162 -10.13 -22.59 -7.46
C TYR A 162 -11.00 -23.13 -8.60
N PHE A 163 -12.16 -23.66 -8.23
CA PHE A 163 -13.08 -24.23 -9.22
C PHE A 163 -13.39 -23.23 -10.34
N LEU A 164 -13.82 -22.03 -9.97
CA LEU A 164 -14.17 -21.05 -11.00
C LEU A 164 -12.96 -20.66 -11.85
N SER A 165 -11.82 -20.39 -11.23
CA SER A 165 -10.65 -20.02 -12.00
C SER A 165 -10.23 -21.18 -12.91
N ALA A 166 -10.23 -22.40 -12.38
CA ALA A 166 -9.83 -23.56 -13.17
C ALA A 166 -10.76 -23.80 -14.36
N LEU A 167 -12.07 -23.74 -14.12
CA LEU A 167 -13.06 -23.95 -15.18
C LEU A 167 -12.88 -22.93 -16.30
N ARG A 168 -12.76 -21.67 -15.90
CA ARG A 168 -12.63 -20.56 -16.84
C ARG A 168 -11.32 -20.68 -17.63
N TRP A 169 -10.24 -21.05 -16.93
CA TRP A 169 -8.95 -21.24 -17.58
C TRP A 169 -9.10 -22.34 -18.64
N ALA A 170 -9.60 -23.49 -18.21
CA ALA A 170 -9.76 -24.65 -19.11
C ALA A 170 -10.73 -24.46 -20.27
N ALA A 171 -11.88 -23.85 -19.99
CA ALA A 171 -12.88 -23.64 -21.03
C ALA A 171 -12.67 -22.42 -21.90
N TYR A 172 -12.10 -21.35 -21.34
CA TYR A 172 -11.96 -20.11 -22.11
C TYR A 172 -10.58 -19.49 -22.32
N THR A 173 -9.67 -19.64 -21.37
CA THR A 173 -8.35 -19.02 -21.52
C THR A 173 -7.22 -19.95 -21.14
N PRO A 174 -7.06 -21.06 -21.87
CA PRO A 174 -6.00 -22.03 -21.59
C PRO A 174 -4.57 -21.48 -21.69
N GLY A 175 -4.40 -20.37 -22.42
CA GLY A 175 -3.09 -19.78 -22.60
C GLY A 175 -2.63 -18.94 -21.42
N ARG A 176 -3.53 -18.59 -20.51
CA ARG A 176 -3.17 -17.78 -19.35
C ARG A 176 -2.37 -18.63 -18.34
N ASP A 177 -1.76 -17.96 -17.36
CA ASP A 177 -0.96 -18.62 -16.33
C ASP A 177 -1.88 -19.05 -15.17
N LEU A 178 -2.26 -20.32 -15.13
CA LEU A 178 -3.15 -20.79 -14.07
C LEU A 178 -2.50 -20.76 -12.69
N ALA A 179 -1.21 -21.02 -12.61
CA ALA A 179 -0.53 -21.00 -11.31
C ALA A 179 -0.65 -19.60 -10.70
N GLU A 180 -0.35 -18.58 -11.49
CA GLU A 180 -0.42 -17.21 -11.00
C GLU A 180 -1.85 -16.85 -10.59
N GLU A 181 -2.83 -17.24 -11.40
CA GLU A 181 -4.22 -16.96 -11.10
C GLU A 181 -4.64 -17.59 -9.75
N LEU A 182 -4.20 -18.82 -9.52
CA LEU A 182 -4.53 -19.50 -8.28
C LEU A 182 -3.81 -18.85 -7.11
N GLU A 183 -2.58 -18.41 -7.32
CA GLU A 183 -1.85 -17.75 -6.24
C GLU A 183 -2.59 -16.46 -5.83
N LYS A 184 -3.14 -15.76 -6.82
CA LYS A 184 -3.89 -14.54 -6.55
C LYS A 184 -5.08 -14.80 -5.64
N ASN A 185 -5.84 -15.86 -5.94
CA ASN A 185 -6.99 -16.19 -5.12
C ASN A 185 -6.57 -16.46 -3.69
N LEU A 186 -5.47 -17.18 -3.55
CA LEU A 186 -4.95 -17.51 -2.24
C LEU A 186 -4.55 -16.23 -1.50
N ARG A 187 -3.70 -15.44 -2.13
CA ARG A 187 -3.23 -14.18 -1.54
C ARG A 187 -4.40 -13.26 -1.14
N LEU A 188 -5.41 -13.13 -2.00
CA LEU A 188 -6.56 -12.27 -1.69
C LEU A 188 -7.47 -12.75 -0.56
N LEU A 189 -7.77 -14.04 -0.55
CA LEU A 189 -8.64 -14.56 0.49
C LEU A 189 -7.89 -14.69 1.80
N LEU A 190 -6.60 -14.98 1.73
CA LEU A 190 -5.82 -15.13 2.94
C LEU A 190 -5.46 -13.79 3.60
N GLU A 191 -4.96 -12.86 2.79
CA GLU A 191 -4.54 -11.56 3.28
C GLU A 191 -5.54 -10.42 3.14
N GLY A 192 -6.50 -10.58 2.24
CA GLY A 192 -7.50 -9.53 2.02
C GLY A 192 -6.93 -8.45 1.10
N LEU A 194 -7.13 -5.14 1.81
CA LEU A 194 -6.63 -4.08 2.66
C LEU A 194 -5.17 -4.33 2.97
N VAL A 195 -4.34 -3.28 2.89
CA VAL A 195 -2.93 -3.47 3.18
C VAL A 195 -2.69 -3.94 4.61
N ARG A 196 -1.59 -4.64 4.80
CA ARG A 196 -1.20 -5.16 6.10
C ARG A 196 0.11 -4.52 6.58
N GLU A 197 0.40 -4.73 7.86
CA GLU A 197 1.60 -4.20 8.47
C GLU A 197 2.87 -4.89 7.96
N ALA A 198 3.84 -4.11 7.51
CA ALA A 198 5.11 -4.67 7.06
C ALA A 198 5.95 -4.83 8.34
N PRO A 199 6.63 -5.98 8.50
CA PRO A 199 7.43 -6.19 9.70
C PRO A 199 8.67 -5.30 9.70
N ALA A 200 9.25 -5.06 10.86
CA ALA A 200 10.48 -4.27 10.93
C ALA A 200 11.49 -5.10 10.16
N PRO A 201 12.29 -4.47 9.28
CA PRO A 201 13.29 -5.22 8.50
C PRO A 201 14.34 -5.89 9.37
N GLY A 202 14.96 -6.94 8.84
CA GLY A 202 15.99 -7.65 9.58
C GLY A 202 17.38 -7.12 9.24
N GLN B 6 12.36 45.68 40.11
CA GLN B 6 13.25 46.79 39.65
C GLN B 6 14.00 46.40 38.38
N LYS B 7 15.11 45.69 38.56
CA LYS B 7 15.95 45.24 37.45
C LYS B 7 15.12 44.47 36.43
N LYS B 8 14.10 43.78 36.90
CA LYS B 8 13.23 43.00 36.02
C LYS B 8 12.31 43.88 35.18
N ARG B 9 11.72 44.90 35.80
CA ARG B 9 10.82 45.78 35.06
C ARG B 9 11.52 46.49 33.89
N ARG B 10 12.81 46.75 34.05
CA ARG B 10 13.57 47.42 32.99
C ARG B 10 13.84 46.44 31.85
N ARG B 11 14.23 45.22 32.20
CA ARG B 11 14.47 44.20 31.19
C ARG B 11 13.19 44.08 30.36
N GLU B 12 12.03 44.07 31.03
CA GLU B 12 10.76 43.96 30.32
C GLU B 12 10.50 45.13 29.36
N ARG B 13 10.85 46.35 29.77
CA ARG B 13 10.63 47.54 28.92
C ARG B 13 11.49 47.49 27.65
N ILE B 14 12.75 47.07 27.82
CA ILE B 14 13.67 46.95 26.68
C ILE B 14 13.09 45.93 25.70
N PHE B 15 12.65 44.79 26.24
CA PHE B 15 12.10 43.72 25.43
C PHE B 15 10.92 44.20 24.62
N ARG B 16 9.94 44.76 25.31
CA ARG B 16 8.75 45.27 24.68
C ARG B 16 9.14 46.31 23.64
N ALA B 17 10.14 47.12 23.96
CA ALA B 17 10.61 48.15 23.06
C ALA B 17 11.22 47.56 21.79
N ALA B 18 12.06 46.54 21.95
CA ALA B 18 12.68 45.91 20.78
C ALA B 18 11.64 45.21 19.90
N GLU B 20 8.43 45.79 19.58
CA GLU B 20 7.59 46.74 18.87
C GLU B 20 8.32 47.30 17.65
N LEU B 21 9.59 47.65 17.82
CA LEU B 21 10.35 48.17 16.69
C LEU B 21 10.52 47.05 15.67
N PHE B 22 10.89 45.86 16.13
CA PHE B 22 11.08 44.74 15.22
C PHE B 22 9.84 44.54 14.36
N ARG B 23 8.66 44.60 14.99
CA ARG B 23 7.44 44.38 14.22
C ARG B 23 7.16 45.53 13.26
N ASN B 24 7.43 46.77 13.68
CA ASN B 24 7.16 47.93 12.83
C ASN B 24 8.21 48.18 11.74
N ARG B 25 9.46 47.79 11.96
CA ARG B 25 10.51 48.06 10.99
C ARG B 25 11.34 46.90 10.51
N GLY B 26 11.17 45.75 11.14
CA GLY B 26 11.94 44.57 10.76
C GLY B 26 13.05 44.34 11.74
N PHE B 27 13.39 43.07 11.96
CA PHE B 27 14.46 42.71 12.89
C PHE B 27 15.82 43.24 12.44
N GLN B 28 16.18 42.94 11.19
CA GLN B 28 17.47 43.34 10.64
C GLN B 28 17.68 44.84 10.61
N GLU B 29 16.65 45.57 10.22
CA GLU B 29 16.71 47.02 10.12
C GLU B 29 16.79 47.79 11.45
N THR B 30 16.42 47.17 12.55
CA THR B 30 16.42 47.83 13.87
C THR B 30 17.76 47.70 14.56
N THR B 31 18.28 48.83 15.05
CA THR B 31 19.57 48.87 15.71
C THR B 31 19.46 49.01 17.23
N ALA B 32 20.51 48.59 17.92
CA ALA B 32 20.58 48.66 19.37
C ALA B 32 20.34 50.11 19.84
N THR B 33 20.87 51.07 19.10
CA THR B 33 20.70 52.47 19.45
C THR B 33 19.22 52.88 19.43
N GLU B 34 18.47 52.39 18.45
CA GLU B 34 17.03 52.70 18.37
C GLU B 34 16.25 52.03 19.52
N ILE B 35 16.63 50.80 19.87
CA ILE B 35 15.95 50.08 20.95
C ILE B 35 16.21 50.81 22.29
N ALA B 36 17.45 51.16 22.54
CA ALA B 36 17.82 51.84 23.79
C ALA B 36 17.02 53.13 23.95
N LYS B 37 17.03 53.95 22.90
CA LYS B 37 16.29 55.20 22.91
C LYS B 37 14.80 54.98 23.19
N ALA B 38 14.20 53.99 22.53
CA ALA B 38 12.77 53.71 22.74
C ALA B 38 12.50 53.17 24.13
N ALA B 39 13.52 52.61 24.77
CA ALA B 39 13.35 52.05 26.10
C ALA B 39 13.80 53.06 27.16
N HIS B 40 14.32 54.19 26.71
CA HIS B 40 14.79 55.24 27.63
C HIS B 40 16.05 54.86 28.40
N VAL B 41 16.90 54.04 27.78
CA VAL B 41 18.15 53.61 28.40
C VAL B 41 19.29 53.84 27.42
N SER B 42 20.52 53.81 27.91
CA SER B 42 21.71 54.00 27.07
C SER B 42 21.97 52.72 26.26
N ARG B 43 22.80 52.86 25.23
CA ARG B 43 23.15 51.73 24.36
C ARG B 43 23.87 50.67 25.21
N GLY B 44 24.67 51.12 26.16
CA GLY B 44 25.37 50.19 27.03
C GLY B 44 24.41 49.36 27.85
N THR B 45 23.34 49.98 28.32
CA THR B 45 22.35 49.27 29.13
C THR B 45 21.64 48.19 28.32
N PHE B 46 21.34 48.48 27.06
CA PHE B 46 20.68 47.50 26.21
C PHE B 46 21.55 46.24 26.09
N PHE B 47 22.82 46.43 25.74
CA PHE B 47 23.73 45.30 25.59
C PHE B 47 23.90 44.52 26.89
N ASN B 48 23.69 45.17 28.04
CA ASN B 48 23.79 44.47 29.32
C ASN B 48 22.65 43.45 29.48
N TYR B 49 21.50 43.75 28.91
CA TYR B 49 20.36 42.84 29.00
C TYR B 49 20.35 41.87 27.83
N TYR B 50 20.76 42.35 26.66
CA TYR B 50 20.84 41.57 25.44
C TYR B 50 22.15 41.87 24.72
N PRO B 51 23.17 41.02 24.91
CA PRO B 51 24.50 41.17 24.32
C PRO B 51 24.51 41.28 22.80
N TYR B 52 23.53 40.65 22.17
CA TYR B 52 23.41 40.68 20.72
C TYR B 52 21.93 40.71 20.43
N LYS B 53 21.56 41.31 19.31
CA LYS B 53 20.16 41.46 18.94
C LYS B 53 19.37 40.17 18.96
N GLU B 54 20.00 39.07 18.53
CA GLU B 54 19.30 37.80 18.48
C GLU B 54 18.82 37.29 19.84
N ALA B 55 19.49 37.72 20.91
CA ALA B 55 19.10 37.30 22.25
C ALA B 55 17.68 37.80 22.54
N VAL B 56 17.27 38.90 21.90
CA VAL B 56 15.90 39.38 22.10
C VAL B 56 14.95 38.34 21.48
N LEU B 57 15.32 37.83 20.30
CA LEU B 57 14.49 36.82 19.65
C LEU B 57 14.41 35.51 20.45
N LEU B 58 15.51 35.10 21.06
CA LEU B 58 15.50 33.88 21.86
C LEU B 58 14.55 34.05 23.06
N ASP B 59 14.53 35.24 23.64
CA ASP B 59 13.66 35.53 24.76
C ASP B 59 12.20 35.35 24.29
N TYR B 60 11.88 35.95 23.15
CA TYR B 60 10.54 35.84 22.57
C TYR B 60 10.20 34.37 22.27
N GLY B 61 11.17 33.65 21.70
CA GLY B 61 10.95 32.24 21.40
C GLY B 61 10.65 31.46 22.67
N SER B 62 11.40 31.73 23.74
CA SER B 62 11.20 31.06 25.02
C SER B 62 9.80 31.32 25.57
N GLN B 63 9.30 32.54 25.39
CA GLN B 63 7.95 32.84 25.90
C GLN B 63 6.92 32.08 25.06
N LEU B 64 7.11 32.05 23.75
CA LEU B 64 6.15 31.36 22.90
C LEU B 64 6.13 29.88 23.28
N LEU B 65 7.32 29.31 23.52
CA LEU B 65 7.42 27.90 23.89
C LEU B 65 6.79 27.61 25.24
N ALA B 66 6.93 28.53 26.20
CA ALA B 66 6.31 28.35 27.52
C ALA B 66 4.79 28.31 27.34
N GLY B 67 4.27 29.20 26.50
CA GLY B 67 2.85 29.21 26.23
C GLY B 67 2.42 27.84 25.69
N LEU B 68 3.21 27.28 24.78
CA LEU B 68 2.92 25.98 24.21
C LEU B 68 3.01 24.91 25.27
N ARG B 69 3.93 25.11 26.22
CA ARG B 69 4.12 24.18 27.31
C ARG B 69 2.87 24.12 28.19
N GLU B 70 2.38 25.29 28.60
CA GLU B 70 1.20 25.37 29.45
C GLU B 70 0.01 24.67 28.80
N GLU B 71 -0.21 24.95 27.52
CA GLU B 71 -1.31 24.37 26.77
C GLU B 71 -1.21 22.85 26.60
N VAL B 72 -0.01 22.34 26.34
CA VAL B 72 0.17 20.92 26.16
C VAL B 72 -0.05 20.18 27.48
N ARG B 73 0.44 20.73 28.58
CA ARG B 73 0.28 20.11 29.89
C ARG B 73 -1.19 20.18 30.32
N ARG B 74 -1.85 21.30 30.02
CA ARG B 74 -3.24 21.44 30.39
C ARG B 74 -4.03 20.35 29.68
N LEU B 75 -3.86 20.26 28.36
CA LEU B 75 -4.56 19.27 27.55
C LEU B 75 -4.34 17.83 27.99
N LEU B 76 -3.11 17.50 28.38
CA LEU B 76 -2.81 16.16 28.84
C LEU B 76 -3.53 15.87 30.16
N ALA B 77 -3.46 16.82 31.09
CA ALA B 77 -4.11 16.65 32.39
C ALA B 77 -5.63 16.44 32.25
N GLN B 78 -6.20 16.87 31.13
CA GLN B 78 -7.63 16.72 30.90
C GLN B 78 -7.97 15.34 30.31
N GLY B 79 -6.96 14.49 30.17
CA GLY B 79 -7.18 13.17 29.62
C GLY B 79 -7.21 13.08 28.10
N ARG B 80 -6.81 14.14 27.40
CA ARG B 80 -6.80 14.10 25.94
C ARG B 80 -5.80 13.07 25.42
N GLU B 81 -6.12 12.44 24.30
CA GLU B 81 -5.26 11.44 23.69
C GLU B 81 -3.91 12.05 23.33
N PRO B 82 -2.82 11.41 23.75
CA PRO B 82 -1.47 11.92 23.45
C PRO B 82 -1.27 12.27 21.98
N VAL B 83 -1.56 11.31 21.09
CA VAL B 83 -1.39 11.54 19.67
C VAL B 83 -2.17 12.76 19.22
N GLU B 84 -3.35 12.98 19.79
CA GLU B 84 -4.14 14.15 19.43
C GLU B 84 -3.53 15.45 19.97
N VAL B 85 -2.92 15.39 21.15
CA VAL B 85 -2.26 16.55 21.74
C VAL B 85 -1.13 16.93 20.77
N LEU B 86 -0.40 15.90 20.34
CA LEU B 86 0.70 16.05 19.40
C LEU B 86 0.24 16.74 18.11
N ARG B 87 -0.85 16.24 17.52
CA ARG B 87 -1.35 16.86 16.30
C ARG B 87 -1.72 18.30 16.58
N HIS B 88 -2.35 18.55 17.72
CA HIS B 88 -2.74 19.92 18.08
C HIS B 88 -1.49 20.80 18.16
N LEU B 89 -0.48 20.32 18.87
CA LEU B 89 0.77 21.05 19.03
C LEU B 89 1.35 21.47 17.68
N PHE B 90 1.41 20.54 16.74
CA PHE B 90 1.96 20.83 15.39
C PHE B 90 1.06 21.78 14.61
N ARG B 91 -0.22 21.79 14.90
CA ARG B 91 -1.14 22.70 14.24
C ARG B 91 -0.86 24.09 14.80
N VAL B 92 -0.66 24.17 16.11
CA VAL B 92 -0.37 25.46 16.73
C VAL B 92 1.01 25.94 16.29
N LEU B 93 1.97 25.02 16.14
CA LEU B 93 3.32 25.40 15.68
C LEU B 93 3.24 26.03 14.28
N ALA B 94 2.49 25.39 13.40
CA ALA B 94 2.32 25.87 12.04
C ALA B 94 1.65 27.25 12.01
N GLU B 95 0.55 27.42 12.73
CA GLU B 95 -0.15 28.70 12.76
C GLU B 95 0.76 29.80 13.35
N GLY B 96 1.44 29.50 14.44
CA GLY B 96 2.30 30.50 15.06
C GLY B 96 3.51 30.83 14.20
N THR B 97 4.06 29.84 13.52
CA THR B 97 5.21 30.06 12.68
C THR B 97 4.80 30.91 11.46
N ALA B 98 3.65 30.60 10.86
CA ALA B 98 3.21 31.37 9.69
C ALA B 98 2.91 32.82 10.07
N ARG B 99 2.33 33.02 11.25
CA ARG B 99 2.00 34.36 11.67
C ARG B 99 3.25 35.19 11.96
N GLU B 100 4.17 34.65 12.75
CA GLU B 100 5.38 35.38 13.13
C GLU B 100 6.60 35.11 12.23
N LYS B 101 6.33 34.72 10.99
CA LYS B 101 7.37 34.41 10.01
C LYS B 101 8.59 35.35 10.00
N ASP B 102 8.36 36.65 9.92
CA ASP B 102 9.46 37.62 9.82
C ASP B 102 10.38 37.73 11.04
N LEU B 103 9.83 37.48 12.22
CA LEU B 103 10.62 37.55 13.45
C LEU B 103 11.32 36.22 13.72
N LEU B 104 10.66 35.13 13.36
CA LEU B 104 11.18 33.79 13.60
C LEU B 104 12.32 33.32 12.69
N LEU B 105 12.27 33.69 11.41
CA LEU B 105 13.29 33.29 10.44
C LEU B 105 14.71 33.60 10.96
N PRO B 106 14.99 34.87 11.33
CA PRO B 106 16.36 35.11 11.82
C PRO B 106 16.66 34.30 13.09
N PHE B 108 15.53 31.23 13.69
CA PHE B 108 15.86 29.89 13.21
C PHE B 108 17.33 29.82 12.77
N TYR B 109 17.76 30.84 12.02
CA TYR B 109 19.17 30.85 11.57
C TYR B 109 20.14 30.94 12.75
N GLU B 110 19.73 31.60 13.83
CA GLU B 110 20.58 31.72 15.01
C GLU B 110 20.76 30.35 15.66
N LEU B 111 19.81 29.45 15.45
CA LEU B 111 19.92 28.11 16.02
C LEU B 111 21.09 27.34 15.39
N LEU B 112 21.42 27.71 14.15
CA LEU B 112 22.53 27.10 13.44
C LEU B 112 23.66 28.11 13.26
N ASN B 113 23.85 28.96 14.27
CA ASN B 113 24.95 29.93 14.25
C ASN B 113 26.26 29.15 14.31
N PRO B 114 27.22 29.48 13.42
CA PRO B 114 28.54 28.85 13.32
C PRO B 114 29.31 28.90 14.63
N ASP B 115 29.12 29.97 15.40
CA ASP B 115 29.77 30.06 16.71
C ASP B 115 29.01 29.10 17.63
N PRO B 116 29.67 28.04 18.11
CA PRO B 116 29.04 27.04 18.98
C PRO B 116 28.38 27.59 20.24
N VAL B 117 29.05 28.54 20.89
CA VAL B 117 28.55 29.16 22.11
C VAL B 117 27.16 29.75 21.89
N ARG B 118 26.97 30.43 20.75
CA ARG B 118 25.68 31.01 20.45
C ARG B 118 24.65 30.00 19.99
N ALA B 119 25.07 29.01 19.19
CA ALA B 119 24.13 28.02 18.71
C ALA B 119 23.61 27.29 19.93
N ARG B 120 24.49 26.99 20.87
CA ARG B 120 24.08 26.29 22.08
C ARG B 120 23.10 27.12 22.93
N ALA B 121 23.39 28.40 23.12
CA ALA B 121 22.46 29.22 23.90
C ALA B 121 21.07 29.25 23.20
N ALA B 122 21.07 29.27 21.87
CA ALA B 122 19.78 29.28 21.16
C ALA B 122 19.06 27.95 21.38
N PHE B 123 19.82 26.85 21.37
CA PHE B 123 19.22 25.53 21.57
C PHE B 123 18.63 25.41 22.98
N GLU B 124 19.39 25.85 23.98
CA GLU B 124 18.97 25.78 25.37
C GLU B 124 17.76 26.66 25.68
N ALA B 125 17.57 27.73 24.92
CA ALA B 125 16.44 28.62 25.16
C ALA B 125 15.15 28.11 24.48
N LEU B 126 15.31 27.21 23.50
CA LEU B 126 14.16 26.71 22.77
C LEU B 126 14.08 25.17 22.70
N PRO B 127 13.99 24.51 23.86
CA PRO B 127 13.90 23.04 23.87
C PRO B 127 12.52 22.46 23.50
N LEU B 128 12.11 22.61 22.24
CA LEU B 128 10.81 22.09 21.84
C LEU B 128 10.79 20.56 21.93
N GLY B 129 11.94 19.94 21.67
CA GLY B 129 12.04 18.48 21.72
C GLY B 129 11.62 17.89 23.05
N ASP B 130 12.07 18.49 24.15
CA ASP B 130 11.71 18.00 25.48
C ASP B 130 10.21 18.11 25.71
N LEU B 131 9.59 19.19 25.23
CA LEU B 131 8.16 19.36 25.37
C LEU B 131 7.41 18.23 24.65
N ILE B 132 7.88 17.86 23.47
CA ILE B 132 7.24 16.79 22.71
C ILE B 132 7.43 15.48 23.46
N ALA B 133 8.58 15.33 24.12
CA ALA B 133 8.89 14.12 24.87
C ALA B 133 7.84 13.90 25.97
N GLU B 134 7.41 14.98 26.61
CA GLU B 134 6.42 14.88 27.66
C GLU B 134 5.14 14.26 27.11
N ILE B 135 4.80 14.62 25.88
CA ILE B 135 3.60 14.09 25.21
C ILE B 135 3.82 12.60 24.91
N LEU B 136 5.03 12.23 24.54
CA LEU B 136 5.30 10.84 24.22
C LEU B 136 5.32 9.92 25.45
N LYS B 137 5.66 10.45 26.62
CA LYS B 137 5.74 9.64 27.83
C LYS B 137 4.49 8.77 28.04
N PRO B 138 3.30 9.37 28.10
CA PRO B 138 2.13 8.53 28.30
C PRO B 138 1.92 7.55 27.15
N LEU B 139 2.32 7.92 25.93
CA LEU B 139 2.15 7.00 24.82
C LEU B 139 2.98 5.75 25.08
N ARG B 140 4.15 5.93 25.68
CA ARG B 140 4.99 4.80 25.99
C ARG B 140 4.32 3.92 27.03
N GLU B 141 3.65 4.54 27.98
CA GLU B 141 2.98 3.77 29.02
C GLU B 141 1.88 2.92 28.42
N GLN B 142 1.10 3.46 27.49
CA GLN B 142 0.03 2.70 26.84
C GLN B 142 0.61 1.54 26.07
N GLY B 143 1.94 1.54 25.92
CA GLY B 143 2.61 0.46 25.22
C GLY B 143 2.59 0.46 23.70
N VAL B 144 2.09 1.52 23.07
CA VAL B 144 2.06 1.57 21.61
C VAL B 144 3.32 2.19 20.99
N LEU B 145 4.19 2.72 21.83
CA LEU B 145 5.43 3.37 21.38
C LEU B 145 6.61 2.46 21.70
N ARG B 146 7.57 2.39 20.77
CA ARG B 146 8.75 1.55 20.95
C ARG B 146 9.51 1.93 22.19
N GLN B 147 10.25 0.95 22.74
CA GLN B 147 11.01 1.13 23.96
C GLN B 147 12.52 1.16 23.74
N ASP B 148 12.97 1.05 22.49
CA ASP B 148 14.39 1.04 22.21
C ASP B 148 15.04 2.38 21.83
N PHE B 149 14.32 3.47 22.07
CA PHE B 149 14.82 4.83 21.82
C PHE B 149 14.36 5.58 23.02
N SER B 150 15.14 6.56 23.49
CA SER B 150 14.72 7.34 24.65
C SER B 150 13.62 8.28 24.19
N LEU B 151 12.76 8.69 25.12
CA LEU B 151 11.67 9.61 24.81
C LEU B 151 12.30 10.91 24.30
N GLU B 152 13.40 11.31 24.93
CA GLU B 152 14.10 12.52 24.53
C GLU B 152 14.52 12.45 23.07
N ARG B 153 15.09 11.33 22.65
CA ARG B 153 15.54 11.13 21.27
C ARG B 153 14.39 11.31 20.28
N GLY B 155 11.37 12.81 20.85
CA GLY B 155 10.79 14.13 20.89
C GLY B 155 11.71 15.10 20.14
N ARG B 156 13.01 14.93 20.31
CA ARG B 156 13.94 15.82 19.62
C ARG B 156 14.02 15.60 18.10
N THR B 157 13.78 14.38 17.63
CA THR B 157 13.83 14.14 16.18
C THR B 157 12.61 14.82 15.55
N LEU B 158 11.49 14.81 16.27
CA LEU B 158 10.27 15.48 15.79
C LEU B 158 10.53 17.01 15.79
N ALA B 159 11.19 17.51 16.83
CA ALA B 159 11.50 18.92 16.90
C ALA B 159 12.46 19.26 15.76
N ASP B 160 13.42 18.37 15.48
CA ASP B 160 14.38 18.60 14.40
C ASP B 160 13.65 18.76 13.06
N LEU B 161 12.65 17.91 12.82
CA LEU B 161 11.88 17.95 11.58
C LEU B 161 11.05 19.21 11.50
N TYR B 162 10.46 19.60 12.62
CA TYR B 162 9.69 20.83 12.61
C TYR B 162 10.63 21.97 12.21
N PHE B 163 11.82 22.01 12.80
CA PHE B 163 12.79 23.06 12.52
C PHE B 163 13.13 23.17 11.03
N LEU B 164 13.61 22.08 10.48
CA LEU B 164 13.99 22.01 9.09
C LEU B 164 12.84 22.46 8.19
N SER B 165 11.65 21.91 8.42
CA SER B 165 10.49 22.27 7.61
C SER B 165 10.09 23.75 7.76
N ALA B 166 10.16 24.26 8.99
CA ALA B 166 9.79 25.64 9.27
C ALA B 166 10.76 26.61 8.63
N LEU B 167 12.06 26.29 8.72
CA LEU B 167 13.07 27.16 8.14
C LEU B 167 12.96 27.14 6.62
N ARG B 168 12.75 25.96 6.05
CA ARG B 168 12.66 25.86 4.61
C ARG B 168 11.44 26.62 4.15
N TRP B 169 10.31 26.39 4.84
CA TRP B 169 9.07 27.08 4.49
C TRP B 169 9.22 28.58 4.61
N ALA B 170 9.80 29.05 5.71
CA ALA B 170 9.90 30.48 5.93
C ALA B 170 10.86 31.22 5.02
N ALA B 171 12.00 30.60 4.74
CA ALA B 171 12.99 31.24 3.89
C ALA B 171 12.87 30.98 2.41
N TYR B 172 12.37 29.81 2.04
CA TYR B 172 12.34 29.46 0.62
C TYR B 172 11.01 29.16 -0.08
N THR B 173 10.00 28.68 0.63
CA THR B 173 8.70 28.40 0.00
C THR B 173 7.60 28.98 0.89
N PRO B 174 7.66 30.28 1.19
CA PRO B 174 6.65 30.92 2.05
C PRO B 174 5.19 30.85 1.59
N GLY B 175 4.97 30.63 0.30
CA GLY B 175 3.62 30.56 -0.24
C GLY B 175 2.91 29.24 -0.03
N ARG B 176 3.64 28.21 0.42
CA ARG B 176 3.04 26.90 0.64
C ARG B 176 2.29 26.79 1.97
N ASP B 177 1.60 25.69 2.19
CA ASP B 177 0.83 25.47 3.40
C ASP B 177 1.64 24.76 4.50
N LEU B 178 2.18 25.54 5.44
CA LEU B 178 3.00 24.97 6.50
C LEU B 178 2.32 23.88 7.36
N ALA B 179 1.04 24.08 7.69
CA ALA B 179 0.28 23.12 8.51
C ALA B 179 0.26 21.73 7.87
N GLU B 180 0.05 21.68 6.57
CA GLU B 180 0.04 20.42 5.83
C GLU B 180 1.44 19.77 5.88
N GLU B 181 2.47 20.59 5.76
CA GLU B 181 3.84 20.10 5.80
C GLU B 181 4.17 19.51 7.19
N LEU B 182 3.82 20.21 8.25
CA LEU B 182 4.13 19.70 9.57
C LEU B 182 3.30 18.44 9.89
N GLU B 183 2.06 18.41 9.41
CA GLU B 183 1.19 17.25 9.66
C GLU B 183 1.80 16.02 8.96
N LYS B 184 2.33 16.21 7.75
CA LYS B 184 2.96 15.10 7.04
C LYS B 184 4.20 14.62 7.82
N ASN B 185 4.99 15.56 8.34
CA ASN B 185 6.20 15.23 9.09
C ASN B 185 5.89 14.34 10.29
N LEU B 186 4.89 14.74 11.05
CA LEU B 186 4.45 14.02 12.24
C LEU B 186 4.06 12.59 11.88
N ARG B 187 3.23 12.44 10.86
CA ARG B 187 2.79 11.11 10.44
C ARG B 187 3.90 10.20 9.97
N LEU B 188 4.89 10.77 9.29
CA LEU B 188 6.00 9.98 8.77
C LEU B 188 6.86 9.41 9.91
N LEU B 189 7.17 10.25 10.89
CA LEU B 189 7.98 9.81 12.03
C LEU B 189 7.23 8.91 13.01
N LEU B 190 5.96 9.23 13.24
CA LEU B 190 5.14 8.45 14.15
C LEU B 190 4.84 7.03 13.60
N GLU B 191 4.42 6.96 12.34
CA GLU B 191 4.07 5.69 11.70
C GLU B 191 5.20 5.06 10.89
N GLY B 192 6.11 5.89 10.39
CA GLY B 192 7.22 5.35 9.62
C GLY B 192 6.89 5.22 8.15
N LEU B 194 7.41 2.39 6.29
CA LEU B 194 6.84 1.05 6.02
C LEU B 194 5.32 1.01 6.20
N VAL B 195 4.63 0.34 5.29
CA VAL B 195 3.18 0.23 5.33
C VAL B 195 2.66 -0.36 6.64
N ARG B 196 1.59 0.24 7.16
CA ARG B 196 0.96 -0.23 8.39
C ARG B 196 -0.37 -0.88 8.06
N GLU B 197 -0.83 -1.73 8.96
CA GLU B 197 -2.08 -2.45 8.82
C GLU B 197 -3.28 -1.51 8.73
N ALA B 198 -4.12 -1.71 7.72
CA ALA B 198 -5.32 -0.90 7.60
C ALA B 198 -6.33 -1.63 8.48
N PRO B 199 -6.98 -0.89 9.39
CA PRO B 199 -7.96 -1.56 10.26
C PRO B 199 -9.20 -1.97 9.46
N ALA B 200 -9.81 -3.09 9.83
CA ALA B 200 -11.01 -3.58 9.17
C ALA B 200 -12.10 -2.50 9.14
N PRO B 201 -13.07 -2.62 8.22
CA PRO B 201 -14.18 -1.64 8.10
C PRO B 201 -15.22 -1.82 9.21
N GLY B 202 -16.46 -2.09 8.81
CA GLY B 202 -17.54 -2.29 9.77
C GLY B 202 -17.87 -1.08 10.63
N ARG C 9 -42.53 0.52 -30.12
CA ARG C 9 -41.31 0.44 -30.97
C ARG C 9 -41.15 -1.00 -31.46
N ARG C 10 -40.05 -1.67 -31.09
CA ARG C 10 -39.86 -3.06 -31.48
C ARG C 10 -38.92 -3.87 -30.58
N ARG C 11 -37.67 -3.45 -30.45
CA ARG C 11 -36.77 -4.23 -29.59
C ARG C 11 -37.37 -4.20 -28.18
N GLU C 12 -38.04 -3.10 -27.87
CA GLU C 12 -38.67 -2.93 -26.58
C GLU C 12 -39.96 -3.75 -26.50
N ARG C 13 -40.74 -3.76 -27.57
CA ARG C 13 -41.98 -4.52 -27.55
C ARG C 13 -41.70 -6.01 -27.47
N ILE C 14 -40.63 -6.45 -28.12
CA ILE C 14 -40.23 -7.85 -28.09
C ILE C 14 -39.77 -8.24 -26.69
N PHE C 15 -38.87 -7.45 -26.12
CA PHE C 15 -38.37 -7.71 -24.79
C PHE C 15 -39.53 -7.78 -23.77
N ARG C 16 -40.44 -6.81 -23.82
CA ARG C 16 -41.57 -6.83 -22.88
C ARG C 16 -42.46 -8.03 -23.09
N ALA C 17 -42.75 -8.36 -24.35
CA ALA C 17 -43.59 -9.52 -24.65
C ALA C 17 -42.91 -10.80 -24.14
N ALA C 18 -41.57 -10.83 -24.22
CA ALA C 18 -40.84 -12.01 -23.79
C ALA C 18 -40.90 -12.19 -22.28
N GLU C 20 -43.11 -11.02 -20.25
CA GLU C 20 -44.47 -11.33 -19.84
C GLU C 20 -44.74 -12.84 -20.02
N LEU C 21 -44.26 -13.41 -21.13
CA LEU C 21 -44.46 -14.84 -21.36
C LEU C 21 -43.65 -15.64 -20.35
N PHE C 22 -42.45 -15.14 -20.02
CA PHE C 22 -41.60 -15.81 -19.06
C PHE C 22 -42.29 -15.82 -17.70
N ARG C 23 -42.92 -14.71 -17.36
CA ARG C 23 -43.61 -14.54 -16.09
C ARG C 23 -44.83 -15.45 -15.98
N ASN C 24 -45.61 -15.54 -17.05
CA ASN C 24 -46.80 -16.35 -17.04
C ASN C 24 -46.63 -17.83 -17.33
N ARG C 25 -45.63 -18.21 -18.12
CA ARG C 25 -45.47 -19.63 -18.46
C ARG C 25 -44.10 -20.27 -18.12
N GLY C 26 -43.09 -19.43 -17.87
CA GLY C 26 -41.79 -19.95 -17.54
C GLY C 26 -40.79 -19.73 -18.64
N PHE C 27 -39.56 -19.42 -18.26
CA PHE C 27 -38.53 -19.20 -19.25
C PHE C 27 -38.23 -20.44 -20.12
N GLN C 28 -38.01 -21.59 -19.48
CA GLN C 28 -37.69 -22.80 -20.22
C GLN C 28 -38.76 -23.24 -21.24
N GLU C 29 -40.03 -23.12 -20.84
CA GLU C 29 -41.14 -23.54 -21.69
C GLU C 29 -41.50 -22.59 -22.81
N THR C 30 -41.05 -21.35 -22.73
CA THR C 30 -41.39 -20.37 -23.75
C THR C 30 -40.47 -20.51 -24.97
N THR C 31 -41.06 -20.38 -26.16
CA THR C 31 -40.26 -20.48 -27.38
C THR C 31 -40.21 -19.18 -28.16
N ALA C 32 -39.22 -19.08 -29.03
CA ALA C 32 -39.00 -17.93 -29.90
C ALA C 32 -40.27 -17.68 -30.69
N THR C 33 -40.85 -18.76 -31.20
CA THR C 33 -42.07 -18.66 -31.98
C THR C 33 -43.16 -17.96 -31.18
N GLU C 34 -43.42 -18.42 -29.96
CA GLU C 34 -44.47 -17.79 -29.14
C GLU C 34 -44.15 -16.33 -28.88
N ILE C 35 -42.89 -16.03 -28.59
CA ILE C 35 -42.51 -14.63 -28.34
C ILE C 35 -42.83 -13.81 -29.59
N ALA C 36 -42.37 -14.30 -30.74
CA ALA C 36 -42.62 -13.62 -32.02
C ALA C 36 -44.10 -13.30 -32.16
N LYS C 37 -44.94 -14.31 -32.01
CA LYS C 37 -46.37 -14.09 -32.13
C LYS C 37 -46.91 -13.03 -31.18
N ALA C 38 -46.46 -13.06 -29.93
CA ALA C 38 -46.93 -12.11 -28.94
C ALA C 38 -46.35 -10.70 -29.13
N ALA C 39 -45.22 -10.60 -29.80
CA ALA C 39 -44.61 -9.29 -30.04
C ALA C 39 -45.06 -8.74 -31.40
N HIS C 40 -45.73 -9.58 -32.18
CA HIS C 40 -46.22 -9.20 -33.50
C HIS C 40 -45.10 -8.98 -34.51
N VAL C 41 -44.21 -9.98 -34.63
CA VAL C 41 -43.10 -9.91 -35.55
C VAL C 41 -42.80 -11.33 -36.01
N SER C 42 -42.14 -11.48 -37.15
CA SER C 42 -41.83 -12.80 -37.66
C SER C 42 -40.70 -13.44 -36.85
N ARG C 43 -40.53 -14.75 -37.00
CA ARG C 43 -39.47 -15.45 -36.29
C ARG C 43 -38.12 -14.89 -36.75
N GLY C 44 -38.08 -14.45 -38.01
CA GLY C 44 -36.86 -13.88 -38.56
C GLY C 44 -36.51 -12.58 -37.88
N THR C 45 -37.51 -11.73 -37.69
CA THR C 45 -37.30 -10.45 -37.05
C THR C 45 -36.89 -10.66 -35.59
N PHE C 46 -37.56 -11.60 -34.91
CA PHE C 46 -37.24 -11.87 -33.51
C PHE C 46 -35.76 -12.16 -33.40
N PHE C 47 -35.27 -13.10 -34.18
CA PHE C 47 -33.86 -13.48 -34.14
C PHE C 47 -32.86 -12.38 -34.48
N ASN C 48 -33.28 -11.34 -35.20
CA ASN C 48 -32.36 -10.24 -35.50
C ASN C 48 -32.12 -9.50 -34.18
N TYR C 49 -33.14 -9.46 -33.33
CA TYR C 49 -33.05 -8.78 -32.05
C TYR C 49 -32.46 -9.65 -30.94
N TYR C 50 -32.79 -10.93 -30.96
CA TYR C 50 -32.31 -11.88 -29.97
C TYR C 50 -32.00 -13.21 -30.66
N PRO C 51 -30.76 -13.39 -31.12
CA PRO C 51 -30.31 -14.61 -31.81
C PRO C 51 -30.65 -15.91 -31.08
N TYR C 52 -30.75 -15.81 -29.75
CA TYR C 52 -31.12 -16.96 -28.92
C TYR C 52 -31.90 -16.45 -27.69
N LYS C 53 -32.75 -17.32 -27.15
CA LYS C 53 -33.62 -17.00 -26.04
C LYS C 53 -32.96 -16.41 -24.79
N GLU C 54 -31.82 -16.96 -24.38
CA GLU C 54 -31.10 -16.46 -23.21
C GLU C 54 -30.64 -15.01 -23.38
N ALA C 55 -30.51 -14.56 -24.62
CA ALA C 55 -30.08 -13.18 -24.86
C ALA C 55 -31.09 -12.22 -24.23
N VAL C 56 -32.36 -12.62 -24.15
CA VAL C 56 -33.37 -11.78 -23.52
C VAL C 56 -33.07 -11.62 -22.02
N LEU C 57 -32.63 -12.71 -21.40
CA LEU C 57 -32.27 -12.70 -19.98
C LEU C 57 -31.03 -11.83 -19.77
N LEU C 58 -30.11 -11.83 -20.73
CA LEU C 58 -28.93 -10.99 -20.59
C LEU C 58 -29.34 -9.51 -20.59
N ASP C 59 -30.28 -9.19 -21.47
CA ASP C 59 -30.80 -7.83 -21.59
C ASP C 59 -31.39 -7.43 -20.24
N TYR C 60 -32.18 -8.34 -19.66
CA TYR C 60 -32.82 -8.16 -18.36
C TYR C 60 -31.75 -7.92 -17.30
N GLY C 61 -30.74 -8.81 -17.30
CA GLY C 61 -29.64 -8.70 -16.37
C GLY C 61 -28.93 -7.35 -16.50
N SER C 62 -28.73 -6.88 -17.73
CA SER C 62 -28.08 -5.59 -17.95
C SER C 62 -28.87 -4.45 -17.36
N GLN C 63 -30.18 -4.46 -17.56
CA GLN C 63 -30.99 -3.38 -17.00
C GLN C 63 -31.01 -3.42 -15.48
N LEU C 64 -31.05 -4.62 -14.90
CA LEU C 64 -31.03 -4.69 -13.43
C LEU C 64 -29.70 -4.12 -12.96
N LEU C 65 -28.62 -4.48 -13.64
CA LEU C 65 -27.31 -3.99 -13.25
C LEU C 65 -27.24 -2.47 -13.40
N ALA C 66 -27.77 -1.93 -14.49
CA ALA C 66 -27.76 -0.48 -14.69
C ALA C 66 -28.45 0.21 -13.51
N GLY C 67 -29.56 -0.36 -13.05
CA GLY C 67 -30.25 0.21 -11.92
C GLY C 67 -29.35 0.26 -10.70
N LEU C 68 -28.69 -0.87 -10.42
CA LEU C 68 -27.77 -0.94 -9.27
C LEU C 68 -26.67 0.10 -9.46
N ARG C 69 -26.13 0.15 -10.68
CA ARG C 69 -25.07 1.10 -11.00
C ARG C 69 -25.58 2.50 -10.67
N GLU C 70 -26.82 2.76 -11.07
CA GLU C 70 -27.44 4.06 -10.81
C GLU C 70 -27.38 4.35 -9.32
N GLU C 71 -27.97 3.47 -8.53
CA GLU C 71 -28.01 3.61 -7.09
C GLU C 71 -26.60 3.82 -6.51
N VAL C 72 -25.66 2.97 -6.90
CA VAL C 72 -24.29 3.07 -6.42
C VAL C 72 -23.70 4.45 -6.60
N ARG C 73 -23.60 4.89 -7.85
CA ARG C 73 -23.03 6.20 -8.14
C ARG C 73 -23.73 7.35 -7.42
N ARG C 74 -25.03 7.23 -7.20
CA ARG C 74 -25.78 8.27 -6.50
C ARG C 74 -25.54 8.24 -4.99
N LEU C 75 -24.98 7.15 -4.49
CA LEU C 75 -24.69 7.05 -3.07
C LEU C 75 -23.28 7.57 -2.81
N LEU C 76 -22.42 7.43 -3.81
CA LEU C 76 -21.05 7.89 -3.68
C LEU C 76 -21.04 9.42 -3.65
N ALA C 77 -21.97 10.03 -4.40
CA ALA C 77 -22.05 11.48 -4.44
C ALA C 77 -22.36 11.84 -3.02
N GLN C 78 -23.54 11.41 -2.59
CA GLN C 78 -24.04 11.65 -1.24
C GLN C 78 -23.03 11.50 -0.12
N GLY C 79 -21.78 11.16 -0.46
CA GLY C 79 -20.74 11.01 0.55
C GLY C 79 -20.64 9.67 1.28
N ARG C 80 -21.53 8.73 1.00
CA ARG C 80 -21.47 7.43 1.67
C ARG C 80 -20.12 6.76 1.51
N GLU C 81 -19.62 6.20 2.61
CA GLU C 81 -18.34 5.51 2.63
C GLU C 81 -18.32 4.34 1.65
N PRO C 82 -17.19 4.11 0.98
CA PRO C 82 -17.05 3.03 0.00
C PRO C 82 -17.51 1.67 0.53
N VAL C 83 -16.93 1.22 1.64
CA VAL C 83 -17.31 -0.07 2.20
C VAL C 83 -18.80 -0.11 2.54
N GLU C 84 -19.37 1.01 2.95
CA GLU C 84 -20.79 0.99 3.25
C GLU C 84 -21.61 0.86 1.96
N VAL C 85 -21.05 1.37 0.86
CA VAL C 85 -21.75 1.27 -0.42
C VAL C 85 -21.72 -0.21 -0.82
N LEU C 86 -20.58 -0.86 -0.64
CA LEU C 86 -20.45 -2.28 -0.98
C LEU C 86 -21.46 -3.13 -0.22
N ARG C 87 -21.60 -2.88 1.08
CA ARG C 87 -22.53 -3.64 1.90
C ARG C 87 -23.96 -3.46 1.43
N HIS C 88 -24.28 -2.24 1.02
CA HIS C 88 -25.62 -1.95 0.53
C HIS C 88 -25.83 -2.72 -0.77
N LEU C 89 -24.87 -2.59 -1.68
CA LEU C 89 -24.93 -3.27 -2.97
C LEU C 89 -25.23 -4.76 -2.82
N PHE C 90 -24.50 -5.43 -1.94
CA PHE C 90 -24.72 -6.86 -1.75
C PHE C 90 -26.02 -7.17 -1.01
N ARG C 91 -26.49 -6.24 -0.16
CA ARG C 91 -27.77 -6.46 0.50
C ARG C 91 -28.86 -6.41 -0.57
N VAL C 92 -28.69 -5.52 -1.54
CA VAL C 92 -29.65 -5.39 -2.63
C VAL C 92 -29.57 -6.58 -3.58
N LEU C 93 -28.35 -7.06 -3.87
CA LEU C 93 -28.19 -8.21 -4.75
C LEU C 93 -28.81 -9.46 -4.11
N ALA C 94 -28.63 -9.61 -2.81
CA ALA C 94 -29.16 -10.75 -2.11
C ALA C 94 -30.69 -10.82 -2.23
N GLU C 95 -31.35 -9.70 -1.95
CA GLU C 95 -32.80 -9.64 -2.04
C GLU C 95 -33.26 -9.82 -3.48
N GLY C 96 -32.64 -9.08 -4.39
CA GLY C 96 -32.96 -9.19 -5.79
C GLY C 96 -32.83 -10.62 -6.30
N THR C 97 -31.72 -11.28 -5.95
CA THR C 97 -31.51 -12.66 -6.38
C THR C 97 -32.63 -13.54 -5.88
N ALA C 98 -33.00 -13.36 -4.62
CA ALA C 98 -34.05 -14.17 -4.05
C ALA C 98 -35.38 -13.94 -4.75
N ARG C 99 -35.75 -12.68 -4.97
CA ARG C 99 -37.03 -12.34 -5.62
C ARG C 99 -37.17 -12.86 -7.05
N GLU C 100 -36.09 -12.77 -7.81
CA GLU C 100 -36.14 -13.19 -9.19
C GLU C 100 -35.31 -14.43 -9.56
N LYS C 101 -35.19 -15.36 -8.61
CA LYS C 101 -34.41 -16.57 -8.82
C LYS C 101 -34.80 -17.39 -10.04
N ASP C 102 -36.09 -17.50 -10.30
CA ASP C 102 -36.55 -18.29 -11.44
C ASP C 102 -36.02 -17.80 -12.79
N LEU C 103 -35.85 -16.49 -12.95
CA LEU C 103 -35.33 -15.99 -14.23
C LEU C 103 -33.82 -15.86 -14.20
N LEU C 104 -33.27 -15.57 -13.03
CA LEU C 104 -31.83 -15.42 -12.89
C LEU C 104 -31.03 -16.73 -13.01
N LEU C 105 -31.61 -17.84 -12.55
CA LEU C 105 -30.92 -19.13 -12.61
C LEU C 105 -30.46 -19.51 -14.04
N PRO C 106 -31.37 -19.50 -15.03
CA PRO C 106 -30.93 -19.85 -16.39
C PRO C 106 -29.94 -18.82 -16.94
N PHE C 108 -27.67 -17.31 -15.01
CA PHE C 108 -26.39 -17.66 -14.39
C PHE C 108 -25.74 -18.83 -15.14
N TYR C 109 -26.53 -19.81 -15.56
CA TYR C 109 -25.92 -20.94 -16.27
C TYR C 109 -25.35 -20.50 -17.59
N GLU C 110 -25.98 -19.50 -18.22
CA GLU C 110 -25.51 -18.99 -19.51
C GLU C 110 -24.13 -18.35 -19.37
N LEU C 111 -23.80 -17.87 -18.18
CA LEU C 111 -22.50 -17.26 -17.96
C LEU C 111 -21.38 -18.27 -18.16
N LEU C 112 -21.67 -19.55 -17.93
CA LEU C 112 -20.69 -20.60 -18.10
C LEU C 112 -21.05 -21.55 -19.26
N ASN C 113 -21.58 -20.97 -20.33
CA ASN C 113 -21.94 -21.71 -21.52
C ASN C 113 -20.63 -22.09 -22.22
N PRO C 114 -20.46 -23.37 -22.58
CA PRO C 114 -19.25 -23.87 -23.26
C PRO C 114 -18.82 -23.02 -24.45
N ASP C 115 -19.79 -22.49 -25.18
CA ASP C 115 -19.48 -21.66 -26.33
C ASP C 115 -18.83 -20.39 -25.82
N PRO C 116 -17.53 -20.22 -26.09
CA PRO C 116 -16.82 -19.03 -25.63
C PRO C 116 -17.46 -17.74 -26.12
N VAL C 117 -18.01 -17.77 -27.33
CA VAL C 117 -18.65 -16.58 -27.88
C VAL C 117 -19.88 -16.18 -27.06
N ARG C 118 -20.59 -17.18 -26.52
CA ARG C 118 -21.77 -16.88 -25.72
C ARG C 118 -21.39 -16.49 -24.31
N ALA C 119 -20.39 -17.17 -23.73
CA ALA C 119 -19.92 -16.88 -22.38
C ALA C 119 -19.43 -15.44 -22.30
N ARG C 120 -18.74 -14.99 -23.36
CA ARG C 120 -18.19 -13.63 -23.41
C ARG C 120 -19.31 -12.59 -23.55
N ALA C 121 -20.30 -12.90 -24.38
CA ALA C 121 -21.42 -11.97 -24.55
C ALA C 121 -22.13 -11.84 -23.20
N ALA C 122 -22.25 -12.95 -22.47
CA ALA C 122 -22.89 -12.94 -21.17
C ALA C 122 -22.06 -12.16 -20.14
N PHE C 123 -20.74 -12.38 -20.15
CA PHE C 123 -19.86 -11.67 -19.22
C PHE C 123 -19.95 -10.18 -19.45
N GLU C 124 -19.81 -9.77 -20.71
CA GLU C 124 -19.87 -8.36 -21.08
C GLU C 124 -21.20 -7.70 -20.75
N ALA C 125 -22.27 -8.48 -20.78
CA ALA C 125 -23.59 -7.94 -20.50
C ALA C 125 -23.82 -7.73 -18.99
N LEU C 126 -23.07 -8.48 -18.18
CA LEU C 126 -23.22 -8.42 -16.73
C LEU C 126 -21.91 -8.05 -16.02
N PRO C 127 -21.39 -6.83 -16.27
CA PRO C 127 -20.14 -6.35 -15.65
C PRO C 127 -20.24 -5.92 -14.19
N LEU C 128 -20.53 -6.85 -13.30
CA LEU C 128 -20.63 -6.50 -11.88
C LEU C 128 -19.24 -6.19 -11.30
N GLY C 129 -18.25 -6.97 -11.74
CA GLY C 129 -16.89 -6.77 -11.27
C GLY C 129 -16.45 -5.32 -11.43
N ASP C 130 -16.72 -4.74 -12.60
CA ASP C 130 -16.33 -3.37 -12.88
C ASP C 130 -17.04 -2.37 -11.99
N LEU C 131 -18.28 -2.69 -11.63
CA LEU C 131 -19.03 -1.81 -10.75
C LEU C 131 -18.36 -1.83 -9.38
N ILE C 132 -18.04 -3.03 -8.89
CA ILE C 132 -17.37 -3.15 -7.60
C ILE C 132 -16.07 -2.34 -7.62
N ALA C 133 -15.35 -2.40 -8.73
CA ALA C 133 -14.10 -1.66 -8.91
C ALA C 133 -14.25 -0.12 -8.83
N GLU C 134 -15.40 0.40 -9.20
CA GLU C 134 -15.64 1.83 -9.12
C GLU C 134 -15.83 2.21 -7.66
N ILE C 135 -16.51 1.35 -6.92
CA ILE C 135 -16.77 1.63 -5.52
C ILE C 135 -15.48 1.57 -4.72
N LEU C 136 -14.56 0.71 -5.15
CA LEU C 136 -13.28 0.55 -4.49
C LEU C 136 -12.32 1.74 -4.70
N LYS C 137 -12.52 2.47 -5.78
CA LYS C 137 -11.66 3.61 -6.13
C LYS C 137 -11.28 4.52 -4.97
N PRO C 138 -12.26 4.97 -4.18
CA PRO C 138 -11.91 5.85 -3.05
C PRO C 138 -10.93 5.16 -2.08
N LEU C 139 -11.05 3.83 -1.92
CA LEU C 139 -10.13 3.12 -1.03
C LEU C 139 -8.74 3.16 -1.66
N ARG C 140 -8.67 2.87 -2.96
CA ARG C 140 -7.38 2.92 -3.67
C ARG C 140 -6.76 4.30 -3.45
N GLU C 141 -7.57 5.34 -3.65
CA GLU C 141 -7.13 6.72 -3.50
C GLU C 141 -6.54 6.94 -2.09
N GLN C 142 -7.25 6.49 -1.07
CA GLN C 142 -6.78 6.61 0.31
C GLN C 142 -5.45 5.91 0.52
N GLY C 143 -5.06 5.09 -0.46
CA GLY C 143 -3.83 4.34 -0.36
C GLY C 143 -3.92 3.11 0.55
N VAL C 144 -5.13 2.65 0.85
CA VAL C 144 -5.26 1.49 1.74
C VAL C 144 -5.44 0.10 1.11
N LEU C 145 -5.36 -0.01 -0.21
CA LEU C 145 -5.49 -1.32 -0.87
C LEU C 145 -4.16 -1.75 -1.43
N ARG C 146 -3.89 -3.06 -1.41
CA ARG C 146 -2.63 -3.54 -1.93
C ARG C 146 -2.53 -3.15 -3.41
N GLN C 147 -1.31 -3.08 -3.92
CA GLN C 147 -1.09 -2.69 -5.30
C GLN C 147 -0.58 -3.81 -6.20
N ASP C 148 -0.41 -5.02 -5.67
CA ASP C 148 0.06 -6.09 -6.53
C ASP C 148 -1.05 -6.65 -7.42
N PHE C 149 -2.27 -6.12 -7.27
CA PHE C 149 -3.42 -6.54 -8.09
C PHE C 149 -4.22 -5.28 -8.43
N SER C 150 -4.81 -5.24 -9.62
CA SER C 150 -5.60 -4.06 -10.01
C SER C 150 -6.96 -4.07 -9.32
N LEU C 151 -7.63 -2.91 -9.32
CA LEU C 151 -8.95 -2.79 -8.72
C LEU C 151 -9.93 -3.64 -9.51
N GLU C 152 -9.73 -3.63 -10.82
CA GLU C 152 -10.55 -4.37 -11.76
C GLU C 152 -10.47 -5.86 -11.42
N ARG C 153 -9.25 -6.36 -11.23
CA ARG C 153 -9.05 -7.76 -10.94
C ARG C 153 -9.63 -8.16 -9.57
N GLY C 155 -11.99 -6.60 -8.11
CA GLY C 155 -13.43 -6.44 -8.25
C GLY C 155 -14.04 -7.64 -8.94
N ARG C 156 -13.35 -8.17 -9.95
CA ARG C 156 -13.84 -9.33 -10.70
C ARG C 156 -13.90 -10.52 -9.77
N THR C 157 -12.91 -10.62 -8.88
CA THR C 157 -12.86 -11.72 -7.94
C THR C 157 -14.03 -11.71 -6.95
N LEU C 158 -14.46 -10.53 -6.50
CA LEU C 158 -15.56 -10.46 -5.56
C LEU C 158 -16.90 -10.71 -6.27
N ALA C 159 -16.95 -10.37 -7.56
CA ALA C 159 -18.16 -10.59 -8.36
C ALA C 159 -18.26 -12.11 -8.60
N ASP C 160 -17.11 -12.75 -8.82
CA ASP C 160 -17.08 -14.19 -9.04
C ASP C 160 -17.64 -14.89 -7.82
N LEU C 161 -17.27 -14.40 -6.64
CA LEU C 161 -17.77 -14.99 -5.39
C LEU C 161 -19.27 -14.81 -5.33
N TYR C 162 -19.76 -13.64 -5.72
CA TYR C 162 -21.19 -13.43 -5.72
C TYR C 162 -21.85 -14.49 -6.61
N PHE C 163 -21.31 -14.64 -7.83
CA PHE C 163 -21.84 -15.58 -8.81
C PHE C 163 -21.92 -16.99 -8.22
N LEU C 164 -20.80 -17.44 -7.68
CA LEU C 164 -20.70 -18.76 -7.07
C LEU C 164 -21.78 -18.93 -6.00
N SER C 165 -21.82 -18.02 -5.03
CA SER C 165 -22.79 -18.09 -3.95
C SER C 165 -24.23 -18.06 -4.46
N ALA C 166 -24.51 -17.15 -5.37
CA ALA C 166 -25.85 -16.96 -5.93
C ALA C 166 -26.31 -18.17 -6.76
N LEU C 167 -25.43 -18.69 -7.60
CA LEU C 167 -25.79 -19.86 -8.38
C LEU C 167 -26.07 -21.04 -7.44
N ARG C 168 -25.23 -21.22 -6.42
CA ARG C 168 -25.43 -22.33 -5.49
C ARG C 168 -26.77 -22.18 -4.75
N TRP C 169 -27.01 -20.97 -4.28
CA TRP C 169 -28.23 -20.65 -3.55
C TRP C 169 -29.48 -20.92 -4.41
N ALA C 170 -29.52 -20.31 -5.59
CA ALA C 170 -30.66 -20.42 -6.49
C ALA C 170 -30.86 -21.77 -7.16
N ALA C 171 -29.83 -22.60 -7.20
CA ALA C 171 -29.97 -23.89 -7.85
C ALA C 171 -29.99 -25.05 -6.87
N TYR C 172 -29.19 -24.98 -5.82
CA TYR C 172 -29.12 -26.12 -4.93
C TYR C 172 -29.50 -25.92 -3.46
N THR C 173 -29.19 -24.76 -2.89
CA THR C 173 -29.47 -24.59 -1.47
C THR C 173 -30.07 -23.23 -1.13
N PRO C 174 -31.38 -23.06 -1.38
CA PRO C 174 -32.12 -21.82 -1.11
C PRO C 174 -32.30 -21.62 0.39
N GLY C 175 -31.97 -22.64 1.16
CA GLY C 175 -32.12 -22.56 2.60
C GLY C 175 -31.21 -21.58 3.28
N ARG C 176 -30.06 -21.32 2.68
CA ARG C 176 -29.09 -20.40 3.25
C ARG C 176 -29.53 -18.93 3.19
N ASP C 177 -29.18 -18.18 4.24
CA ASP C 177 -29.46 -16.73 4.28
C ASP C 177 -28.47 -16.14 3.27
N LEU C 178 -28.96 -15.81 2.07
CA LEU C 178 -28.11 -15.27 1.02
C LEU C 178 -27.37 -13.98 1.34
N ALA C 179 -27.98 -13.13 2.17
CA ALA C 179 -27.35 -11.86 2.53
C ALA C 179 -26.12 -12.07 3.40
N GLU C 180 -26.24 -12.98 4.36
CA GLU C 180 -25.12 -13.24 5.25
C GLU C 180 -23.96 -13.86 4.45
N GLU C 181 -24.31 -14.72 3.49
CA GLU C 181 -23.31 -15.38 2.64
C GLU C 181 -22.54 -14.34 1.82
N LEU C 182 -23.24 -13.34 1.30
CA LEU C 182 -22.57 -12.31 0.52
C LEU C 182 -21.74 -11.42 1.45
N GLU C 183 -22.27 -11.19 2.64
CA GLU C 183 -21.57 -10.36 3.63
C GLU C 183 -20.26 -11.11 3.98
N LYS C 184 -20.32 -12.45 3.97
CA LYS C 184 -19.15 -13.28 4.26
C LYS C 184 -18.11 -13.10 3.15
N ASN C 185 -18.55 -13.14 1.89
CA ASN C 185 -17.63 -12.98 0.78
C ASN C 185 -16.89 -11.64 0.87
N LEU C 186 -17.64 -10.58 1.09
CA LEU C 186 -17.08 -9.23 1.19
C LEU C 186 -16.03 -9.17 2.27
N ARG C 187 -16.39 -9.66 3.44
CA ARG C 187 -15.51 -9.68 4.61
C ARG C 187 -14.22 -10.46 4.42
N LEU C 188 -14.32 -11.65 3.84
CA LEU C 188 -13.13 -12.46 3.61
C LEU C 188 -12.20 -11.83 2.60
N LEU C 189 -12.78 -11.27 1.55
CA LEU C 189 -11.94 -10.68 0.50
C LEU C 189 -11.37 -9.30 0.83
N LEU C 190 -12.14 -8.49 1.55
CA LEU C 190 -11.66 -7.16 1.92
C LEU C 190 -10.62 -7.25 3.04
N GLU C 191 -10.94 -8.04 4.05
CA GLU C 191 -10.09 -8.17 5.22
C GLU C 191 -9.15 -9.37 5.26
N GLY C 192 -9.49 -10.44 4.55
CA GLY C 192 -8.63 -11.61 4.55
C GLY C 192 -8.97 -12.51 5.72
N LEU C 194 -6.63 -14.03 7.72
CA LEU C 194 -5.67 -13.76 8.80
C LEU C 194 -6.19 -12.56 9.59
N VAL C 195 -6.10 -12.62 10.92
CA VAL C 195 -6.60 -11.51 11.74
C VAL C 195 -5.88 -10.16 11.51
N ARG C 196 -6.53 -9.08 11.91
CA ARG C 196 -5.98 -7.73 11.83
C ARG C 196 -5.98 -7.21 13.27
N GLU C 197 -4.89 -7.45 13.99
CA GLU C 197 -4.82 -7.04 15.41
C GLU C 197 -3.60 -6.20 15.78
N ALA C 198 -3.08 -5.44 14.83
CA ALA C 198 -1.93 -4.59 15.07
C ALA C 198 -2.23 -3.62 16.21
N PRO C 199 -1.33 -3.55 17.20
CA PRO C 199 -1.60 -2.61 18.29
C PRO C 199 -1.59 -1.17 17.72
N ALA C 200 -0.89 -0.98 16.60
CA ALA C 200 -0.80 0.35 16.00
C ALA C 200 -1.07 0.38 14.49
N PRO C 201 -2.36 0.33 14.11
CA PRO C 201 -2.80 0.35 12.70
C PRO C 201 -2.44 1.67 12.06
N GLY C 202 -2.40 1.68 10.73
CA GLY C 202 -2.10 2.90 10.01
C GLY C 202 -3.28 3.83 10.07
N GLY C 203 -3.17 4.96 9.38
CA GLY C 203 -4.24 5.93 9.38
C GLY C 203 -4.18 6.76 10.65
N GLN D 6 44.29 11.77 -21.59
CA GLN D 6 45.04 12.56 -20.57
C GLN D 6 44.62 14.03 -20.54
N LYS D 7 43.65 14.37 -21.37
CA LYS D 7 43.15 15.73 -21.50
C LYS D 7 42.35 16.31 -20.32
N LYS D 8 42.78 17.48 -19.86
CA LYS D 8 42.11 18.20 -18.78
C LYS D 8 41.64 19.55 -19.32
N ARG D 9 40.33 19.66 -19.54
CA ARG D 9 39.73 20.88 -20.08
C ARG D 9 39.75 21.99 -19.03
N ARG D 10 39.50 23.21 -19.48
CA ARG D 10 39.52 24.39 -18.62
C ARG D 10 38.74 24.28 -17.29
N ARG D 11 37.45 23.94 -17.34
CA ARG D 11 36.68 23.84 -16.09
C ARG D 11 37.37 22.91 -15.10
N GLU D 12 37.83 21.75 -15.57
CA GLU D 12 38.52 20.81 -14.71
C GLU D 12 39.82 21.39 -14.19
N ARG D 13 40.52 22.16 -15.03
CA ARG D 13 41.78 22.76 -14.57
C ARG D 13 41.50 23.75 -13.45
N ILE D 14 40.49 24.60 -13.64
CA ILE D 14 40.16 25.58 -12.63
C ILE D 14 39.70 24.88 -11.35
N PHE D 15 38.80 23.91 -11.48
CA PHE D 15 38.33 23.16 -10.32
C PHE D 15 39.52 22.53 -9.57
N ARG D 16 40.40 21.87 -10.30
CA ARG D 16 41.56 21.22 -9.66
C ARG D 16 42.43 22.21 -8.91
N ALA D 17 42.70 23.36 -9.53
CA ALA D 17 43.52 24.40 -8.91
C ALA D 17 42.84 24.94 -7.65
N ALA D 18 41.53 25.15 -7.72
CA ALA D 18 40.77 25.66 -6.58
C ALA D 18 40.80 24.67 -5.40
N GLU D 20 42.98 22.33 -4.73
CA GLU D 20 44.33 22.27 -4.19
C GLU D 20 44.53 23.38 -3.16
N LEU D 21 44.13 24.60 -3.48
CA LEU D 21 44.30 25.67 -2.52
C LEU D 21 43.40 25.42 -1.32
N PHE D 22 42.16 25.01 -1.54
CA PHE D 22 41.23 24.75 -0.43
C PHE D 22 41.88 23.78 0.55
N ARG D 23 42.42 22.68 0.03
CA ARG D 23 43.06 21.64 0.85
C ARG D 23 44.36 22.06 1.53
N ASN D 24 45.18 22.87 0.85
CA ASN D 24 46.45 23.29 1.44
C ASN D 24 46.36 24.52 2.33
N ARG D 25 45.45 25.43 2.03
CA ARG D 25 45.33 26.64 2.83
C ARG D 25 44.01 26.84 3.54
N GLY D 26 42.96 26.18 3.08
CA GLY D 26 41.66 26.33 3.70
C GLY D 26 40.70 27.02 2.74
N PHE D 27 39.44 26.60 2.78
CA PHE D 27 38.44 27.17 1.92
C PHE D 27 38.17 28.65 2.22
N GLN D 28 37.86 28.96 3.47
CA GLN D 28 37.55 30.34 3.87
C GLN D 28 38.63 31.34 3.50
N GLU D 29 39.89 30.97 3.73
CA GLU D 29 41.03 31.82 3.44
C GLU D 29 41.37 32.03 1.96
N THR D 30 40.94 31.11 1.10
CA THR D 30 41.23 31.21 -0.33
C THR D 30 40.31 32.18 -1.06
N THR D 31 40.88 32.98 -1.95
CA THR D 31 40.07 33.94 -2.69
C THR D 31 40.00 33.59 -4.17
N ALA D 32 39.00 34.13 -4.85
CA ALA D 32 38.83 33.91 -6.28
C ALA D 32 40.08 34.42 -6.99
N THR D 33 40.59 35.55 -6.51
CA THR D 33 41.77 36.15 -7.10
C THR D 33 42.93 35.16 -7.06
N GLU D 34 43.07 34.45 -5.96
CA GLU D 34 44.17 33.49 -5.82
C GLU D 34 43.93 32.26 -6.69
N ILE D 35 42.67 31.86 -6.83
CA ILE D 35 42.35 30.69 -7.63
C ILE D 35 42.67 31.00 -9.10
N ALA D 36 42.25 32.18 -9.56
CA ALA D 36 42.48 32.59 -10.93
C ALA D 36 43.97 32.61 -11.21
N LYS D 37 44.74 33.14 -10.27
CA LYS D 37 46.18 33.19 -10.44
C LYS D 37 46.78 31.79 -10.57
N ALA D 38 46.39 30.89 -9.68
CA ALA D 38 46.93 29.54 -9.68
C ALA D 38 46.54 28.76 -10.92
N ALA D 39 45.45 29.16 -11.57
CA ALA D 39 45.01 28.46 -12.76
C ALA D 39 45.40 29.24 -14.02
N HIS D 40 46.15 30.32 -13.83
CA HIS D 40 46.61 31.16 -14.94
C HIS D 40 45.47 31.70 -15.80
N VAL D 41 44.38 32.13 -15.17
CA VAL D 41 43.27 32.73 -15.91
C VAL D 41 42.93 34.07 -15.24
N SER D 42 42.23 34.93 -15.95
CA SER D 42 41.88 36.20 -15.37
C SER D 42 40.70 36.00 -14.40
N ARG D 43 40.47 37.00 -13.56
CA ARG D 43 39.38 36.99 -12.59
C ARG D 43 38.06 36.72 -13.34
N GLY D 44 37.84 37.48 -14.40
CA GLY D 44 36.63 37.35 -15.20
C GLY D 44 36.40 35.95 -15.76
N THR D 45 37.48 35.24 -16.10
CA THR D 45 37.37 33.90 -16.63
C THR D 45 36.95 32.94 -15.53
N PHE D 46 37.53 33.10 -14.34
CA PHE D 46 37.17 32.23 -13.21
C PHE D 46 35.68 32.35 -12.95
N PHE D 47 35.21 33.58 -12.82
CA PHE D 47 33.81 33.88 -12.58
C PHE D 47 32.89 33.13 -13.56
N ASN D 48 33.25 33.10 -14.83
CA ASN D 48 32.43 32.43 -15.84
C ASN D 48 32.26 30.93 -15.65
N TYR D 49 33.13 30.33 -14.84
CA TYR D 49 33.01 28.90 -14.58
C TYR D 49 32.43 28.69 -13.18
N TYR D 50 32.78 29.58 -12.26
CA TYR D 50 32.29 29.54 -10.87
C TYR D 50 32.01 30.97 -10.44
N PRO D 51 30.74 31.41 -10.57
CA PRO D 51 30.33 32.76 -10.20
C PRO D 51 30.65 33.15 -8.75
N TYR D 52 30.89 32.15 -7.92
CA TYR D 52 31.28 32.39 -6.55
C TYR D 52 32.01 31.16 -6.07
N LYS D 53 32.88 31.37 -5.09
CA LYS D 53 33.74 30.35 -4.50
C LYS D 53 33.01 29.07 -4.07
N GLU D 54 31.89 29.20 -3.36
CA GLU D 54 31.15 28.04 -2.88
C GLU D 54 30.70 27.11 -4.02
N ALA D 55 30.56 27.67 -5.23
CA ALA D 55 30.14 26.85 -6.37
C ALA D 55 31.16 25.75 -6.60
N VAL D 56 32.44 26.01 -6.29
CA VAL D 56 33.45 24.96 -6.48
C VAL D 56 33.20 23.81 -5.49
N LEU D 57 32.81 24.13 -4.26
CA LEU D 57 32.52 23.08 -3.25
C LEU D 57 31.28 22.26 -3.66
N LEU D 58 30.31 22.93 -4.28
CA LEU D 58 29.09 22.27 -4.73
C LEU D 58 29.46 21.24 -5.79
N ASP D 59 30.38 21.64 -6.66
CA ASP D 59 30.85 20.74 -7.71
C ASP D 59 31.51 19.54 -7.01
N TYR D 60 32.31 19.82 -5.98
CA TYR D 60 32.97 18.74 -5.26
C TYR D 60 31.96 17.84 -4.56
N GLY D 61 30.99 18.45 -3.87
CA GLY D 61 29.98 17.67 -3.19
C GLY D 61 29.25 16.78 -4.20
N SER D 62 28.96 17.39 -5.35
CA SER D 62 28.29 16.70 -6.44
C SER D 62 29.06 15.44 -6.89
N GLN D 63 30.37 15.57 -7.04
CA GLN D 63 31.19 14.43 -7.45
C GLN D 63 31.15 13.36 -6.37
N LEU D 64 31.25 13.77 -5.12
CA LEU D 64 31.20 12.83 -4.02
C LEU D 64 29.90 12.03 -4.08
N LEU D 65 28.78 12.70 -4.36
CA LEU D 65 27.50 12.01 -4.44
C LEU D 65 27.42 11.08 -5.65
N ALA D 66 28.02 11.50 -6.76
CA ALA D 66 28.02 10.69 -7.99
C ALA D 66 28.66 9.35 -7.67
N GLY D 67 29.75 9.40 -6.90
CA GLY D 67 30.44 8.18 -6.51
C GLY D 67 29.55 7.30 -5.64
N LEU D 68 28.78 7.91 -4.75
CA LEU D 68 27.88 7.13 -3.89
C LEU D 68 26.77 6.48 -4.70
N ARG D 69 26.18 7.24 -5.62
CA ARG D 69 25.11 6.70 -6.47
C ARG D 69 25.58 5.42 -7.15
N GLU D 70 26.70 5.51 -7.87
CA GLU D 70 27.28 4.38 -8.58
C GLU D 70 27.49 3.19 -7.66
N GLU D 71 28.03 3.43 -6.47
CA GLU D 71 28.25 2.34 -5.51
C GLU D 71 26.90 1.72 -5.12
N VAL D 72 25.92 2.58 -4.87
CA VAL D 72 24.58 2.13 -4.50
C VAL D 72 23.93 1.31 -5.62
N ARG D 73 23.97 1.85 -6.83
CA ARG D 73 23.38 1.14 -7.96
C ARG D 73 24.03 -0.22 -8.15
N ARG D 74 25.35 -0.25 -8.09
CA ARG D 74 26.08 -1.51 -8.25
C ARG D 74 25.55 -2.57 -7.27
N LEU D 75 25.41 -2.21 -6.00
CA LEU D 75 24.94 -3.15 -4.99
C LEU D 75 23.51 -3.63 -5.23
N LEU D 76 22.64 -2.72 -5.68
CA LEU D 76 21.26 -3.11 -5.94
C LEU D 76 21.19 -4.13 -7.07
N ALA D 77 21.98 -3.91 -8.12
CA ALA D 77 22.02 -4.83 -9.26
C ALA D 77 22.62 -6.15 -8.82
N GLN D 78 23.45 -6.10 -7.78
CA GLN D 78 24.09 -7.30 -7.24
C GLN D 78 23.13 -8.04 -6.31
N GLY D 79 21.85 -7.71 -6.41
CA GLY D 79 20.84 -8.36 -5.59
C GLY D 79 20.77 -8.06 -4.10
N ARG D 80 21.42 -7.01 -3.62
CA ARG D 80 21.37 -6.67 -2.20
C ARG D 80 19.99 -6.13 -1.79
N GLU D 81 19.50 -6.54 -0.63
CA GLU D 81 18.20 -6.07 -0.15
C GLU D 81 18.30 -4.55 0.00
N PRO D 82 17.31 -3.81 -0.54
CA PRO D 82 17.29 -2.34 -0.48
C PRO D 82 17.53 -1.77 0.92
N VAL D 83 16.84 -2.28 1.93
CA VAL D 83 17.04 -1.77 3.27
C VAL D 83 18.50 -1.90 3.72
N GLU D 84 19.20 -2.94 3.26
CA GLU D 84 20.62 -3.14 3.61
C GLU D 84 21.43 -2.08 2.90
N VAL D 85 21.08 -1.81 1.65
CA VAL D 85 21.79 -0.81 0.86
C VAL D 85 21.60 0.55 1.50
N LEU D 86 20.45 0.76 2.14
CA LEU D 86 20.19 2.04 2.81
C LEU D 86 21.11 2.21 4.01
N ARG D 87 21.24 1.16 4.82
CA ARG D 87 22.10 1.24 6.00
C ARG D 87 23.55 1.41 5.58
N HIS D 88 23.93 0.72 4.53
CA HIS D 88 25.27 0.82 3.99
C HIS D 88 25.52 2.27 3.59
N LEU D 89 24.58 2.84 2.83
CA LEU D 89 24.69 4.21 2.36
C LEU D 89 25.00 5.19 3.51
N PHE D 90 24.22 5.12 4.58
CA PHE D 90 24.46 6.04 5.69
C PHE D 90 25.75 5.79 6.43
N ARG D 91 26.23 4.55 6.42
CA ARG D 91 27.51 4.27 7.07
C ARG D 91 28.61 4.95 6.24
N VAL D 92 28.47 4.87 4.92
CA VAL D 92 29.44 5.47 4.01
C VAL D 92 29.37 7.00 4.12
N LEU D 93 28.16 7.55 4.21
CA LEU D 93 27.98 9.00 4.36
C LEU D 93 28.68 9.48 5.64
N ALA D 94 28.50 8.73 6.72
CA ALA D 94 29.13 9.09 7.98
C ALA D 94 30.65 9.16 7.80
N GLU D 95 31.27 8.09 7.29
CA GLU D 95 32.73 8.04 7.08
C GLU D 95 33.18 9.16 6.16
N GLY D 96 32.48 9.34 5.05
CA GLY D 96 32.83 10.40 4.12
C GLY D 96 32.71 11.75 4.78
N THR D 97 31.67 11.96 5.58
CA THR D 97 31.52 13.25 6.22
C THR D 97 32.68 13.52 7.15
N ALA D 98 33.05 12.53 7.94
CA ALA D 98 34.18 12.68 8.88
C ALA D 98 35.45 12.97 8.09
N ARG D 99 35.64 12.23 7.00
CA ARG D 99 36.82 12.36 6.15
C ARG D 99 36.96 13.71 5.46
N GLU D 100 35.87 14.29 4.99
CA GLU D 100 35.97 15.57 4.30
C GLU D 100 35.33 16.76 5.06
N LYS D 101 35.14 16.60 6.37
CA LYS D 101 34.49 17.64 7.18
C LYS D 101 34.96 19.08 7.00
N ASP D 102 36.25 19.30 6.73
CA ASP D 102 36.72 20.68 6.56
C ASP D 102 36.20 21.30 5.27
N LEU D 103 35.92 20.50 4.26
CA LEU D 103 35.40 21.09 3.03
C LEU D 103 33.86 21.05 3.05
N LEU D 104 33.30 20.04 3.69
CA LEU D 104 31.85 19.92 3.73
C LEU D 104 31.11 20.94 4.59
N LEU D 105 31.72 21.32 5.71
CA LEU D 105 31.05 22.27 6.62
C LEU D 105 30.66 23.57 5.89
N PRO D 106 31.61 24.23 5.21
CA PRO D 106 31.25 25.48 4.50
C PRO D 106 30.20 25.17 3.43
N PHE D 108 27.83 22.84 3.60
CA PHE D 108 26.55 22.72 4.30
C PHE D 108 25.91 24.08 4.56
N TYR D 109 26.66 25.06 5.05
CA TYR D 109 26.04 26.35 5.34
C TYR D 109 25.45 26.97 4.08
N GLU D 110 26.03 26.67 2.93
CA GLU D 110 25.53 27.20 1.66
C GLU D 110 24.08 26.74 1.46
N LEU D 111 23.75 25.55 1.95
CA LEU D 111 22.39 25.06 1.83
C LEU D 111 21.44 25.91 2.68
N LEU D 112 21.99 26.81 3.51
CA LEU D 112 21.18 27.67 4.38
C LEU D 112 21.39 29.12 4.00
N ASN D 113 22.00 29.35 2.84
CA ASN D 113 22.26 30.73 2.41
C ASN D 113 20.95 31.51 2.43
N PRO D 114 20.94 32.69 3.08
CA PRO D 114 19.70 33.47 3.11
C PRO D 114 19.19 33.89 1.73
N ASP D 115 20.07 33.87 0.73
CA ASP D 115 19.67 34.19 -0.64
C ASP D 115 19.04 32.94 -1.25
N PRO D 116 17.72 32.95 -1.45
CA PRO D 116 17.07 31.77 -2.02
C PRO D 116 17.70 31.23 -3.32
N VAL D 117 18.27 32.12 -4.11
CA VAL D 117 18.90 31.69 -5.37
C VAL D 117 20.04 30.71 -5.06
N ARG D 118 20.92 31.12 -4.16
CA ARG D 118 22.05 30.30 -3.75
C ARG D 118 21.60 29.01 -3.06
N ALA D 119 20.70 29.13 -2.11
CA ALA D 119 20.21 27.96 -1.37
C ALA D 119 19.66 26.90 -2.32
N ARG D 120 18.90 27.35 -3.31
CA ARG D 120 18.30 26.45 -4.30
C ARG D 120 19.35 25.76 -5.17
N ALA D 121 20.34 26.51 -5.63
CA ALA D 121 21.39 25.93 -6.47
C ALA D 121 22.14 24.88 -5.67
N ALA D 122 22.40 25.17 -4.39
CA ALA D 122 23.12 24.20 -3.56
C ALA D 122 22.31 22.92 -3.40
N PHE D 123 21.01 23.05 -3.13
CA PHE D 123 20.15 21.89 -2.95
C PHE D 123 20.11 21.07 -4.23
N GLU D 124 20.00 21.77 -5.35
CA GLU D 124 19.92 21.07 -6.63
C GLU D 124 21.21 20.37 -7.00
N ALA D 125 22.33 20.87 -6.49
CA ALA D 125 23.62 20.26 -6.79
C ALA D 125 23.93 19.03 -5.93
N LEU D 126 23.21 18.85 -4.83
CA LEU D 126 23.48 17.73 -3.92
C LEU D 126 22.26 16.85 -3.66
N PRO D 127 21.75 16.21 -4.72
CA PRO D 127 20.56 15.35 -4.61
C PRO D 127 20.60 14.06 -3.79
N LEU D 128 20.90 14.15 -2.50
CA LEU D 128 20.92 12.95 -1.66
C LEU D 128 19.50 12.38 -1.62
N GLY D 129 18.51 13.26 -1.50
CA GLY D 129 17.14 12.83 -1.45
C GLY D 129 16.71 11.95 -2.63
N ASP D 130 17.10 12.34 -3.84
CA ASP D 130 16.75 11.54 -5.01
C ASP D 130 17.48 10.21 -5.00
N LEU D 131 18.71 10.20 -4.51
CA LEU D 131 19.47 8.95 -4.45
C LEU D 131 18.72 8.00 -3.51
N ILE D 132 18.31 8.52 -2.37
CA ILE D 132 17.58 7.70 -1.40
C ILE D 132 16.28 7.23 -2.04
N ALA D 133 15.60 8.12 -2.77
CA ALA D 133 14.36 7.73 -3.40
C ALA D 133 14.60 6.60 -4.40
N GLU D 134 15.79 6.59 -5.00
CA GLU D 134 16.10 5.55 -5.97
C GLU D 134 16.19 4.19 -5.29
N ILE D 135 16.72 4.16 -4.07
CA ILE D 135 16.85 2.92 -3.31
C ILE D 135 15.46 2.47 -2.83
N LEU D 136 14.57 3.43 -2.60
CA LEU D 136 13.23 3.11 -2.13
C LEU D 136 12.32 2.53 -3.20
N LYS D 137 12.68 2.73 -4.47
CA LYS D 137 11.86 2.24 -5.56
C LYS D 137 11.59 0.73 -5.47
N PRO D 138 12.63 -0.10 -5.38
CA PRO D 138 12.31 -1.54 -5.30
C PRO D 138 11.48 -1.92 -4.07
N LEU D 139 11.55 -1.11 -3.01
CA LEU D 139 10.75 -1.39 -1.81
C LEU D 139 9.28 -1.09 -2.12
N ARG D 140 9.06 -0.08 -2.96
CA ARG D 140 7.71 0.29 -3.37
C ARG D 140 7.18 -0.86 -4.23
N GLU D 141 8.00 -1.34 -5.15
CA GLU D 141 7.61 -2.44 -6.01
C GLU D 141 7.19 -3.63 -5.15
N GLN D 142 7.99 -3.91 -4.11
CA GLN D 142 7.74 -5.02 -3.19
C GLN D 142 6.44 -4.79 -2.43
N GLY D 143 5.98 -3.55 -2.41
CA GLY D 143 4.77 -3.23 -1.70
C GLY D 143 4.90 -3.06 -0.19
N VAL D 144 6.11 -2.86 0.33
CA VAL D 144 6.28 -2.68 1.78
C VAL D 144 6.24 -1.24 2.28
N LEU D 145 6.05 -0.29 1.38
CA LEU D 145 6.00 1.12 1.78
C LEU D 145 4.60 1.70 1.73
N ARG D 146 4.36 2.67 2.60
CA ARG D 146 3.07 3.32 2.62
C ARG D 146 2.85 4.03 1.28
N GLN D 147 1.59 4.12 0.88
CA GLN D 147 1.20 4.74 -0.38
C GLN D 147 0.81 6.21 -0.30
N ASP D 148 0.58 6.75 0.90
CA ASP D 148 0.18 8.15 0.99
C ASP D 148 1.35 9.14 0.98
N PHE D 149 2.56 8.65 0.71
CA PHE D 149 3.76 9.51 0.61
C PHE D 149 4.52 9.14 -0.66
N SER D 150 5.03 10.14 -1.38
CA SER D 150 5.78 9.89 -2.59
C SER D 150 7.19 9.47 -2.16
N LEU D 151 7.86 8.69 -2.98
CA LEU D 151 9.21 8.22 -2.67
C LEU D 151 10.12 9.43 -2.51
N GLU D 152 9.88 10.43 -3.34
CA GLU D 152 10.67 11.65 -3.29
C GLU D 152 10.58 12.36 -1.93
N ARG D 153 9.38 12.50 -1.39
CA ARG D 153 9.20 13.17 -0.10
C ARG D 153 9.85 12.35 1.00
N GLY D 155 12.39 10.25 0.63
CA GLY D 155 13.82 10.35 0.45
C GLY D 155 14.36 11.69 0.93
N ARG D 156 13.68 12.76 0.57
CA ARG D 156 14.10 14.09 0.98
C ARG D 156 14.11 14.24 2.50
N THR D 157 13.09 13.71 3.16
CA THR D 157 13.01 13.77 4.62
C THR D 157 14.23 13.07 5.24
N LEU D 158 14.55 11.86 4.77
CA LEU D 158 15.72 11.16 5.33
C LEU D 158 17.02 11.94 5.08
N ALA D 159 17.12 12.59 3.91
CA ALA D 159 18.28 13.39 3.55
C ALA D 159 18.34 14.68 4.37
N ASP D 160 17.18 15.28 4.64
CA ASP D 160 17.17 16.49 5.46
C ASP D 160 17.67 16.14 6.86
N LEU D 161 17.31 14.95 7.35
CA LEU D 161 17.76 14.50 8.67
C LEU D 161 19.25 14.26 8.62
N TYR D 162 19.74 13.74 7.48
CA TYR D 162 21.16 13.51 7.35
C TYR D 162 21.89 14.85 7.44
N PHE D 163 21.40 15.81 6.68
CA PHE D 163 21.98 17.14 6.63
C PHE D 163 22.11 17.80 8.02
N LEU D 164 21.01 17.85 8.76
CA LEU D 164 21.03 18.47 10.08
C LEU D 164 21.99 17.73 11.03
N SER D 165 21.96 16.40 11.01
CA SER D 165 22.83 15.60 11.87
C SER D 165 24.29 15.84 11.52
N ALA D 166 24.63 15.81 10.24
CA ALA D 166 25.99 16.00 9.77
C ALA D 166 26.52 17.40 10.07
N LEU D 167 25.68 18.41 9.84
CA LEU D 167 26.11 19.77 10.10
C LEU D 167 26.34 19.94 11.59
N ARG D 168 25.40 19.51 12.42
CA ARG D 168 25.55 19.65 13.87
C ARG D 168 26.76 18.85 14.35
N TRP D 169 26.93 17.64 13.83
CA TRP D 169 28.09 16.87 14.22
C TRP D 169 29.38 17.66 13.88
N ALA D 170 29.54 18.03 12.61
CA ALA D 170 30.74 18.74 12.18
C ALA D 170 30.98 20.08 12.89
N ALA D 171 29.91 20.83 13.14
CA ALA D 171 30.04 22.15 13.77
C ALA D 171 30.07 22.19 15.29
N TYR D 172 29.32 21.29 15.94
CA TYR D 172 29.22 21.32 17.39
C TYR D 172 29.66 20.10 18.17
N THR D 173 29.48 18.90 17.62
CA THR D 173 29.88 17.70 18.36
C THR D 173 30.66 16.73 17.50
N PRO D 174 31.81 17.17 16.98
CA PRO D 174 32.63 16.30 16.12
C PRO D 174 33.24 15.11 16.85
N GLY D 175 33.19 15.14 18.18
CA GLY D 175 33.72 14.02 18.93
C GLY D 175 32.74 12.84 19.04
N ARG D 176 31.49 13.04 18.69
CA ARG D 176 30.50 11.96 18.81
C ARG D 176 30.51 11.00 17.64
N ASP D 177 29.68 9.96 17.73
CA ASP D 177 29.65 8.98 16.66
C ASP D 177 28.52 9.30 15.68
N LEU D 178 28.90 9.87 14.54
CA LEU D 178 27.93 10.25 13.51
C LEU D 178 27.20 9.06 12.88
N ALA D 179 27.88 7.93 12.75
CA ALA D 179 27.26 6.74 12.17
C ALA D 179 26.07 6.34 13.05
N GLU D 180 26.29 6.32 14.36
CA GLU D 180 25.23 5.95 15.30
C GLU D 180 24.02 6.88 15.18
N GLU D 181 24.29 8.16 14.99
CA GLU D 181 23.26 9.17 14.85
C GLU D 181 22.46 8.91 13.55
N LEU D 182 23.15 8.67 12.44
CA LEU D 182 22.48 8.43 11.16
C LEU D 182 21.69 7.12 11.16
N GLU D 183 22.18 6.12 11.89
CA GLU D 183 21.49 4.83 12.01
C GLU D 183 20.17 5.02 12.76
N LYS D 184 20.17 5.89 13.77
CA LYS D 184 18.94 6.15 14.53
C LYS D 184 17.91 6.90 13.66
N ASN D 185 18.39 7.82 12.83
CA ASN D 185 17.53 8.55 11.92
C ASN D 185 16.83 7.55 10.99
N LEU D 186 17.63 6.73 10.31
CA LEU D 186 17.11 5.74 9.37
C LEU D 186 16.10 4.80 10.02
N ARG D 187 16.47 4.25 11.17
CA ARG D 187 15.63 3.31 11.91
C ARG D 187 14.27 3.94 12.28
N LEU D 188 14.31 5.13 12.87
CA LEU D 188 13.09 5.82 13.28
C LEU D 188 12.18 6.17 12.11
N LEU D 189 12.74 6.65 11.01
CA LEU D 189 11.92 7.03 9.87
C LEU D 189 11.39 5.82 9.12
N LEU D 190 12.25 4.81 8.96
CA LEU D 190 11.85 3.62 8.25
C LEU D 190 10.70 2.91 8.95
N GLU D 191 10.87 2.62 10.23
CA GLU D 191 9.88 1.90 11.02
C GLU D 191 8.87 2.74 11.77
N GLY D 192 9.24 3.99 12.08
CA GLY D 192 8.34 4.85 12.83
C GLY D 192 8.45 4.60 14.31
N LEU D 194 5.79 4.27 16.53
CA LEU D 194 4.78 3.31 17.00
C LEU D 194 5.27 1.89 16.77
N VAL D 195 4.91 0.98 17.67
CA VAL D 195 5.31 -0.42 17.56
C VAL D 195 4.74 -1.14 16.34
N ARG D 196 5.40 -2.23 15.95
CA ARG D 196 4.92 -3.08 14.86
C ARG D 196 4.83 -4.46 15.47
N GLU D 197 3.65 -4.77 16.01
CA GLU D 197 3.40 -6.05 16.67
C GLU D 197 2.21 -6.79 16.09
N ALA D 198 1.88 -6.52 14.83
CA ALA D 198 0.75 -7.19 14.19
C ALA D 198 0.93 -8.70 14.22
N PRO D 199 -0.06 -9.43 14.78
CA PRO D 199 0.10 -10.89 14.81
C PRO D 199 0.22 -11.47 13.40
N ALA D 200 -0.53 -10.90 12.45
CA ALA D 200 -0.50 -11.37 11.07
C ALA D 200 -0.04 -10.28 10.09
N PRO D 201 1.28 -10.02 10.04
CA PRO D 201 1.86 -9.00 9.15
C PRO D 201 1.75 -9.42 7.69
N GLY D 202 1.93 -8.46 6.78
CA GLY D 202 1.84 -8.74 5.36
C GLY D 202 3.16 -9.23 4.78
N GLY D 203 3.11 -9.79 3.57
CA GLY D 203 4.32 -10.27 2.93
C GLY D 203 4.28 -11.74 2.56
#